data_1ELU
#
_entry.id   1ELU
#
_cell.length_a   62.448
_cell.length_b   65.386
_cell.length_c   170.532
_cell.angle_alpha   90.00
_cell.angle_beta   90.00
_cell.angle_gamma   90.00
#
_symmetry.space_group_name_H-M   'P 21 21 21'
#
loop_
_entity.id
_entity.type
_entity.pdbx_description
1 polymer 'L-CYSTEINE/L-CYSTINE C-S LYASE'
2 non-polymer 'POTASSIUM ION'
3 non-polymer '2-[(3-HYDROXY-2-METHYL-5-PHOSPHONOOXYMETHYL-PYRIDIN-4-YLMETHYL)-AMINO]-PROPIONIC ACID'
4 non-polymer S-MERCAPTOCYSTEINE
5 water water
#
_entity_poly.entity_id   1
_entity_poly.type   'polypeptide(L)'
_entity_poly.pdbx_seq_one_letter_code
;MTMITPSLHQFPGLANKTYFNFGGQGILPTVALEAITAMYGYLQENGPFSIAANQHIQQLIAQLRQALAETFNVDPNTIT
ITDNVTTGCDIVLWGLDWHQGDEILLTDCEHPGIIAIVQAIAARFGITYRFFPVAATLNQGDAAAVLANHLGPKTRLVIL
SHLLWNTGQVLPLAEIMAVCRRHQGNYPVRVLVDGAQSAGSLPLDFSRLEVDYYAFTGHKWFAGPAGVGGLYIHGDCLGE
INPTYVGWRSITYGAKGEPTGWAEGGKRFEVATSAYPQYAGLLAALQLHQRQGTAEERYQAICQRSEFLWRGLNQLPHVH
CLATSAPQAGLVSFTVDSPLGHRAIVQKLEEQRIYLRTIADPDCIRACCHYITDEEEINHLLARLADFGP
;
_entity_poly.pdbx_strand_id   A,B
#
loop_
_chem_comp.id
_chem_comp.type
_chem_comp.name
_chem_comp.formula
K non-polymer 'POTASSIUM ION' 'K 1'
PDA non-polymer '2-[(3-HYDROXY-2-METHYL-5-PHOSPHONOOXYMETHYL-PYRIDIN-4-YLMETHYL)-AMINO]-PROPIONIC ACID' 'C11 H17 N2 O7 P'
#
# COMPACT_ATOMS: atom_id res chain seq x y z
N GLN A 10 -22.59 -4.03 18.01
CA GLN A 10 -21.56 -4.47 17.03
C GLN A 10 -20.67 -3.29 16.61
N PHE A 11 -21.15 -2.07 16.79
CA PHE A 11 -20.40 -0.88 16.40
C PHE A 11 -20.28 0.09 17.57
N PRO A 12 -19.35 -0.22 18.48
CA PRO A 12 -19.07 0.58 19.68
C PRO A 12 -18.83 2.06 19.47
N GLY A 13 -18.17 2.42 18.37
CA GLY A 13 -17.90 3.81 18.08
C GLY A 13 -19.13 4.71 17.94
N LEU A 14 -20.29 4.14 17.66
CA LEU A 14 -21.48 4.96 17.51
C LEU A 14 -21.98 5.62 18.79
N ALA A 15 -21.86 4.91 19.91
CA ALA A 15 -22.40 5.33 21.20
C ALA A 15 -22.24 6.74 21.72
N ASN A 16 -21.03 7.20 21.93
CA ASN A 16 -20.95 8.55 22.51
C ASN A 16 -20.69 9.70 21.53
N LYS A 17 -21.25 9.57 20.33
CA LYS A 17 -21.15 10.58 19.28
C LYS A 17 -22.37 10.49 18.33
N THR A 18 -22.44 11.43 17.39
CA THR A 18 -23.52 11.47 16.40
C THR A 18 -22.73 11.48 15.08
N TYR A 19 -22.48 10.28 14.58
CA TYR A 19 -21.64 10.14 13.38
C TYR A 19 -22.35 10.04 12.05
N PHE A 20 -21.97 10.92 11.13
CA PHE A 20 -22.51 10.94 9.77
C PHE A 20 -21.35 10.99 8.74
N ASN A 21 -20.19 10.42 9.12
CA ASN A 21 -19.04 10.44 8.20
C ASN A 21 -18.61 9.08 7.66
N PHE A 22 -19.57 8.17 7.48
CA PHE A 22 -19.27 6.83 6.96
C PHE A 22 -18.56 6.86 5.61
N GLY A 23 -18.93 7.84 4.79
CA GLY A 23 -18.33 7.98 3.46
C GLY A 23 -16.87 8.37 3.54
N GLY A 24 -16.47 8.96 4.69
CA GLY A 24 -15.06 9.34 4.94
C GLY A 24 -14.37 8.07 5.45
N GLN A 25 -14.91 7.51 6.54
CA GLN A 25 -14.41 6.24 7.04
C GLN A 25 -15.50 5.64 7.91
N GLY A 26 -15.76 4.36 7.75
CA GLY A 26 -16.79 3.76 8.59
C GLY A 26 -16.33 3.48 10.00
N ILE A 27 -17.29 3.38 10.92
CA ILE A 27 -16.99 3.02 12.30
C ILE A 27 -16.63 1.51 12.24
N LEU A 28 -15.51 1.15 12.83
CA LEU A 28 -15.03 -0.22 12.80
C LEU A 28 -15.81 -1.11 13.76
N PRO A 29 -16.40 -2.20 13.27
CA PRO A 29 -17.14 -3.06 14.21
C PRO A 29 -16.20 -3.89 15.10
N THR A 30 -16.72 -4.27 16.26
CA THR A 30 -15.93 -5.08 17.19
C THR A 30 -15.33 -6.33 16.55
N VAL A 31 -16.11 -7.07 15.76
CA VAL A 31 -15.57 -8.28 15.13
C VAL A 31 -14.35 -7.98 14.25
N ALA A 32 -14.30 -6.80 13.63
CA ALA A 32 -13.14 -6.46 12.81
C ALA A 32 -11.93 -6.24 13.71
N LEU A 33 -12.11 -5.48 14.79
CA LEU A 33 -10.96 -5.24 15.68
C LEU A 33 -10.47 -6.56 16.29
N GLU A 34 -11.41 -7.43 16.67
CA GLU A 34 -11.03 -8.74 17.21
C GLU A 34 -10.21 -9.53 16.19
N ALA A 35 -10.62 -9.51 14.91
CA ALA A 35 -9.88 -10.23 13.88
C ALA A 35 -8.48 -9.68 13.65
N ILE A 36 -8.36 -8.37 13.69
CA ILE A 36 -7.05 -7.72 13.52
C ILE A 36 -6.13 -8.15 14.66
N THR A 37 -6.60 -7.97 15.89
CA THR A 37 -5.82 -8.35 17.07
C THR A 37 -5.44 -9.82 17.06
N ALA A 38 -6.37 -10.70 16.68
CA ALA A 38 -6.08 -12.13 16.66
C ALA A 38 -5.01 -12.49 15.67
N MET A 39 -4.95 -11.77 14.55
CA MET A 39 -3.93 -12.01 13.54
C MET A 39 -2.53 -11.60 14.03
N TYR A 40 -2.42 -10.49 14.75
CA TYR A 40 -1.08 -10.13 15.27
C TYR A 40 -0.66 -11.25 16.21
N GLY A 41 -1.62 -11.73 17.00
CA GLY A 41 -1.33 -12.81 17.93
C GLY A 41 -0.86 -14.08 17.22
N TYR A 42 -1.55 -14.43 16.14
CA TYR A 42 -1.18 -15.63 15.39
C TYR A 42 0.25 -15.46 14.89
N LEU A 43 0.56 -14.29 14.34
CA LEU A 43 1.91 -14.04 13.84
C LEU A 43 2.97 -14.10 14.95
N GLN A 44 2.67 -13.55 16.12
CA GLN A 44 3.64 -13.57 17.19
C GLN A 44 3.85 -15.01 17.66
N GLU A 45 2.77 -15.77 17.73
CA GLU A 45 2.85 -17.13 18.21
C GLU A 45 3.54 -18.11 17.27
N ASN A 46 3.25 -17.99 15.98
CA ASN A 46 3.74 -18.91 14.98
C ASN A 46 4.80 -18.45 14.01
N GLY A 47 5.21 -17.19 14.12
CA GLY A 47 6.20 -16.67 13.19
C GLY A 47 6.96 -15.51 13.80
N PRO A 48 6.81 -14.30 13.27
CA PRO A 48 5.96 -13.88 12.16
C PRO A 48 6.25 -14.35 10.76
N PHE A 49 7.49 -14.78 10.52
CA PHE A 49 7.90 -15.30 9.22
C PHE A 49 8.28 -16.75 9.42
N SER A 50 7.52 -17.64 8.79
CA SER A 50 7.73 -19.08 8.93
C SER A 50 6.83 -19.77 7.91
N ILE A 51 6.97 -21.08 7.79
CA ILE A 51 6.12 -21.83 6.85
C ILE A 51 4.68 -21.69 7.33
N ALA A 52 4.45 -21.89 8.63
CA ALA A 52 3.09 -21.82 9.17
C ALA A 52 2.48 -20.44 8.99
N ALA A 53 3.22 -19.41 9.35
CA ALA A 53 2.67 -18.05 9.26
C ALA A 53 2.43 -17.63 7.81
N ASN A 54 3.39 -17.91 6.93
CA ASN A 54 3.23 -17.56 5.53
C ASN A 54 2.04 -18.31 4.93
N GLN A 55 1.83 -19.56 5.34
CA GLN A 55 0.68 -20.29 4.80
C GLN A 55 -0.62 -19.65 5.31
N HIS A 56 -0.65 -19.30 6.60
CA HIS A 56 -1.84 -18.68 7.22
C HIS A 56 -2.17 -17.35 6.51
N ILE A 57 -1.14 -16.59 6.15
CA ILE A 57 -1.35 -15.33 5.45
C ILE A 57 -1.93 -15.59 4.05
N GLN A 58 -1.36 -16.55 3.31
CA GLN A 58 -1.87 -16.86 1.97
C GLN A 58 -3.33 -17.32 2.06
N GLN A 59 -3.65 -18.12 3.06
CA GLN A 59 -5.03 -18.57 3.21
C GLN A 59 -5.96 -17.38 3.49
N LEU A 60 -5.50 -16.45 4.32
CA LEU A 60 -6.27 -15.26 4.66
C LEU A 60 -6.51 -14.44 3.40
N ILE A 61 -5.47 -14.23 2.63
CA ILE A 61 -5.62 -13.44 1.42
C ILE A 61 -6.67 -14.08 0.49
N ALA A 62 -6.57 -15.39 0.29
CA ALA A 62 -7.53 -16.08 -0.56
C ALA A 62 -8.96 -15.96 -0.03
N GLN A 63 -9.14 -16.03 1.28
CA GLN A 63 -10.48 -15.91 1.87
C GLN A 63 -11.00 -14.51 1.65
N LEU A 64 -10.17 -13.49 1.84
CA LEU A 64 -10.69 -12.15 1.59
C LEU A 64 -11.01 -11.92 0.08
N ARG A 65 -10.20 -12.49 -0.82
CA ARG A 65 -10.42 -12.30 -2.26
C ARG A 65 -11.75 -12.95 -2.62
N GLN A 66 -12.01 -14.10 -2.00
CA GLN A 66 -13.25 -14.83 -2.25
C GLN A 66 -14.46 -14.09 -1.68
N ALA A 67 -14.34 -13.51 -0.49
CA ALA A 67 -15.44 -12.77 0.12
C ALA A 67 -15.84 -11.57 -0.74
N LEU A 68 -14.84 -10.85 -1.27
CA LEU A 68 -15.09 -9.69 -2.13
C LEU A 68 -15.77 -10.17 -3.42
N ALA A 69 -15.24 -11.25 -4.00
CA ALA A 69 -15.80 -11.82 -5.23
C ALA A 69 -17.28 -12.13 -5.03
N GLU A 70 -17.61 -12.79 -3.93
CA GLU A 70 -19.01 -13.11 -3.62
C GLU A 70 -19.85 -11.86 -3.39
N THR A 71 -19.24 -10.83 -2.84
CA THR A 71 -19.96 -9.60 -2.58
C THR A 71 -20.49 -8.99 -3.88
N PHE A 72 -19.69 -9.07 -4.93
CA PHE A 72 -20.03 -8.49 -6.23
C PHE A 72 -20.52 -9.51 -7.24
N ASN A 73 -20.67 -10.74 -6.77
CA ASN A 73 -21.14 -11.86 -7.59
C ASN A 73 -20.24 -12.09 -8.82
N VAL A 74 -18.94 -12.19 -8.61
CA VAL A 74 -18.03 -12.45 -9.70
C VAL A 74 -17.04 -13.54 -9.30
N ASP A 75 -16.17 -13.88 -10.23
CA ASP A 75 -15.18 -14.92 -9.99
C ASP A 75 -14.00 -14.26 -9.28
N PRO A 76 -13.41 -14.95 -8.31
CA PRO A 76 -12.27 -14.40 -7.55
C PRO A 76 -11.10 -13.92 -8.42
N ASN A 77 -10.94 -14.51 -9.62
CA ASN A 77 -9.84 -14.11 -10.52
C ASN A 77 -9.91 -12.64 -11.01
N THR A 78 -11.10 -12.04 -10.93
CA THR A 78 -11.34 -10.67 -11.36
C THR A 78 -11.05 -9.67 -10.23
N ILE A 79 -10.65 -10.17 -9.06
CA ILE A 79 -10.42 -9.30 -7.89
C ILE A 79 -8.97 -9.09 -7.47
N THR A 80 -8.57 -7.82 -7.35
CA THR A 80 -7.23 -7.50 -6.89
C THR A 80 -7.40 -6.84 -5.52
N ILE A 81 -6.59 -7.23 -4.54
CA ILE A 81 -6.67 -6.57 -3.23
C ILE A 81 -5.65 -5.40 -3.28
N THR A 82 -6.09 -4.24 -2.79
CA THR A 82 -5.27 -3.03 -2.78
C THR A 82 -5.35 -2.44 -1.36
N ASP A 83 -4.88 -1.20 -1.20
CA ASP A 83 -4.96 -0.51 0.09
C ASP A 83 -6.09 0.50 0.14
N ASN A 84 -6.65 0.89 -1.01
CA ASN A 84 -7.65 1.96 -1.01
C ASN A 84 -8.31 2.11 -2.39
N VAL A 85 -9.21 3.08 -2.56
CA VAL A 85 -9.86 3.21 -3.86
C VAL A 85 -8.88 3.65 -4.91
N THR A 86 -8.11 4.68 -4.57
CA THR A 86 -7.19 5.29 -5.48
C THR A 86 -6.23 4.32 -6.16
N THR A 87 -5.63 3.41 -5.40
CA THR A 87 -4.69 2.44 -6.00
C THR A 87 -5.34 1.65 -7.16
N GLY A 88 -6.61 1.28 -7.00
CA GLY A 88 -7.30 0.55 -8.05
C GLY A 88 -7.34 1.39 -9.34
N CYS A 89 -7.61 2.70 -9.18
CA CYS A 89 -7.60 3.62 -10.31
C CYS A 89 -6.19 3.73 -10.92
N ASP A 90 -5.15 3.79 -10.09
CA ASP A 90 -3.77 3.88 -10.56
C ASP A 90 -3.39 2.64 -11.38
N ILE A 91 -3.79 1.47 -10.89
CA ILE A 91 -3.48 0.21 -11.58
C ILE A 91 -4.05 0.23 -13.00
N VAL A 92 -5.31 0.63 -13.15
CA VAL A 92 -5.97 0.69 -14.47
C VAL A 92 -5.39 1.77 -15.39
N LEU A 93 -5.29 2.99 -14.88
CA LEU A 93 -4.77 4.10 -15.66
C LEU A 93 -3.31 3.93 -16.12
N TRP A 94 -2.44 3.39 -15.27
CA TRP A 94 -1.04 3.22 -15.68
C TRP A 94 -0.80 1.99 -16.55
N GLY A 95 -1.78 1.08 -16.54
CA GLY A 95 -1.68 -0.18 -17.27
C GLY A 95 -2.22 -0.20 -18.70
N LEU A 96 -3.02 0.79 -19.04
CA LEU A 96 -3.58 0.88 -20.39
C LEU A 96 -2.51 1.29 -21.38
N ASP A 97 -2.52 0.68 -22.56
CA ASP A 97 -1.53 0.98 -23.61
C ASP A 97 -1.86 2.27 -24.35
N TRP A 98 -1.82 3.39 -23.62
CA TRP A 98 -2.11 4.72 -24.16
C TRP A 98 -1.27 5.09 -25.38
N HIS A 99 -1.85 5.91 -26.25
CA HIS A 99 -1.20 6.42 -27.45
C HIS A 99 -1.41 7.92 -27.47
N GLN A 100 -0.44 8.67 -27.98
CA GLN A 100 -0.55 10.11 -28.03
C GLN A 100 -1.86 10.55 -28.66
N GLY A 101 -2.51 11.52 -28.02
CA GLY A 101 -3.78 12.01 -28.55
C GLY A 101 -5.01 11.26 -28.07
N ASP A 102 -4.81 10.17 -27.34
CA ASP A 102 -5.94 9.40 -26.82
C ASP A 102 -6.64 10.33 -25.81
N GLU A 103 -7.94 10.19 -25.67
CA GLU A 103 -8.66 11.07 -24.76
C GLU A 103 -9.39 10.35 -23.63
N ILE A 104 -9.34 10.98 -22.46
CA ILE A 104 -10.02 10.48 -21.27
C ILE A 104 -11.10 11.51 -20.87
N LEU A 105 -12.33 11.05 -20.68
CA LEU A 105 -13.38 11.96 -20.23
C LEU A 105 -13.64 11.65 -18.73
N LEU A 106 -13.72 12.69 -17.89
CA LEU A 106 -14.02 12.49 -16.46
C LEU A 106 -15.14 13.44 -16.11
N THR A 107 -16.02 13.05 -15.19
CA THR A 107 -17.10 13.96 -14.79
C THR A 107 -16.53 15.14 -14.01
N ASP A 108 -17.38 16.14 -13.79
CA ASP A 108 -16.92 17.30 -13.05
C ASP A 108 -17.09 17.10 -11.52
N CYS A 109 -17.29 15.85 -11.11
CA CYS A 109 -17.48 15.50 -9.71
C CYS A 109 -16.51 14.41 -9.26
N GLU A 110 -15.37 14.31 -9.92
CA GLU A 110 -14.42 13.27 -9.55
C GLU A 110 -13.45 13.78 -8.50
N HIS A 111 -12.90 12.85 -7.75
CA HIS A 111 -11.97 13.20 -6.71
C HIS A 111 -10.69 13.81 -7.22
N PRO A 112 -10.20 14.83 -6.50
CA PRO A 112 -8.97 15.49 -6.91
C PRO A 112 -7.80 14.51 -7.06
N GLY A 113 -7.79 13.47 -6.24
CA GLY A 113 -6.72 12.48 -6.33
C GLY A 113 -6.78 11.72 -7.65
N ILE A 114 -7.98 11.41 -8.13
CA ILE A 114 -8.14 10.68 -9.38
C ILE A 114 -7.78 11.61 -10.55
N ILE A 115 -8.16 12.87 -10.44
CA ILE A 115 -7.80 13.84 -11.47
C ILE A 115 -6.27 13.90 -11.53
N ALA A 116 -5.63 13.81 -10.37
CA ALA A 116 -4.17 13.87 -10.37
C ALA A 116 -3.55 12.72 -11.15
N ILE A 117 -4.08 11.51 -11.02
CA ILE A 117 -3.50 10.40 -11.79
C ILE A 117 -3.63 10.72 -13.29
N VAL A 118 -4.80 11.20 -13.69
CA VAL A 118 -5.07 11.54 -15.09
C VAL A 118 -4.09 12.55 -15.66
N GLN A 119 -3.73 13.54 -14.83
CA GLN A 119 -2.80 14.57 -15.27
C GLN A 119 -1.42 13.95 -15.41
N ALA A 120 -1.10 13.01 -14.53
CA ALA A 120 0.18 12.33 -14.57
C ALA A 120 0.24 11.47 -15.82
N ILE A 121 -0.86 10.81 -16.17
CA ILE A 121 -0.90 9.99 -17.37
C ILE A 121 -0.76 10.88 -18.59
N ALA A 122 -1.50 11.98 -18.60
CA ALA A 122 -1.46 12.89 -19.73
C ALA A 122 -0.02 13.36 -19.97
N ALA A 123 0.71 13.64 -18.90
CA ALA A 123 2.08 14.09 -19.02
C ALA A 123 3.02 12.98 -19.54
N ARG A 124 2.77 11.75 -19.12
CA ARG A 124 3.60 10.64 -19.51
C ARG A 124 3.33 10.03 -20.90
N PHE A 125 2.06 9.89 -21.27
CA PHE A 125 1.72 9.26 -22.54
C PHE A 125 1.22 10.23 -23.60
N GLY A 126 1.12 11.50 -23.25
CA GLY A 126 0.65 12.50 -24.20
C GLY A 126 -0.82 12.36 -24.53
N ILE A 127 -1.63 11.90 -23.58
CA ILE A 127 -3.06 11.80 -23.83
C ILE A 127 -3.65 13.14 -23.40
N THR A 128 -4.93 13.32 -23.66
CA THR A 128 -5.64 14.54 -23.29
C THR A 128 -6.87 14.18 -22.45
N TYR A 129 -7.37 15.13 -21.66
CA TYR A 129 -8.56 14.84 -20.85
C TYR A 129 -9.48 16.06 -20.82
N ARG A 130 -10.77 15.77 -20.83
CA ARG A 130 -11.82 16.80 -20.80
C ARG A 130 -12.87 16.38 -19.77
N PHE A 131 -13.43 17.37 -19.08
CA PHE A 131 -14.47 17.11 -18.10
C PHE A 131 -15.83 17.25 -18.75
N PHE A 132 -16.81 16.54 -18.20
CA PHE A 132 -18.18 16.70 -18.68
C PHE A 132 -18.99 16.92 -17.41
N PRO A 133 -19.92 17.88 -17.44
CA PRO A 133 -20.78 18.24 -16.32
C PRO A 133 -21.90 17.29 -15.90
N VAL A 134 -21.82 16.79 -14.67
CA VAL A 134 -22.85 15.90 -14.17
C VAL A 134 -23.43 16.46 -12.87
N ALA A 135 -22.68 17.33 -12.21
CA ALA A 135 -23.16 17.86 -10.93
C ALA A 135 -24.58 18.43 -11.11
N ALA A 136 -24.77 19.18 -12.18
CA ALA A 136 -26.04 19.81 -12.47
C ALA A 136 -27.16 18.85 -12.85
N THR A 137 -26.88 17.55 -12.94
CA THR A 137 -27.97 16.61 -13.26
C THR A 137 -28.60 15.92 -12.06
N LEU A 138 -28.28 16.34 -10.84
CA LEU A 138 -28.87 15.73 -9.66
C LEU A 138 -30.42 15.73 -9.70
N ASN A 139 -31.00 16.87 -10.05
CA ASN A 139 -32.47 17.03 -10.08
C ASN A 139 -33.11 17.09 -11.46
N GLN A 140 -32.31 17.35 -12.49
CA GLN A 140 -32.84 17.43 -13.84
C GLN A 140 -31.80 16.95 -14.82
N GLY A 141 -32.20 16.80 -16.06
CA GLY A 141 -31.25 16.38 -17.06
C GLY A 141 -30.97 14.89 -17.04
N ASP A 142 -29.93 14.53 -17.79
CA ASP A 142 -29.54 13.13 -17.95
C ASP A 142 -28.02 13.06 -18.13
N ALA A 143 -27.33 12.44 -17.17
CA ALA A 143 -25.88 12.36 -17.23
C ALA A 143 -25.37 11.52 -18.39
N ALA A 144 -26.13 10.50 -18.78
CA ALA A 144 -25.77 9.65 -19.90
C ALA A 144 -25.79 10.47 -21.19
N ALA A 145 -26.82 11.29 -21.35
CA ALA A 145 -26.95 12.14 -22.53
C ALA A 145 -25.85 13.21 -22.54
N VAL A 146 -25.44 13.69 -21.36
CA VAL A 146 -24.37 14.68 -21.32
C VAL A 146 -23.11 14.01 -21.85
N LEU A 147 -22.90 12.77 -21.45
CA LEU A 147 -21.73 12.06 -21.92
C LEU A 147 -21.81 11.88 -23.46
N ALA A 148 -22.95 11.48 -23.97
CA ALA A 148 -23.09 11.33 -25.43
C ALA A 148 -22.70 12.61 -26.17
N ASN A 149 -22.93 13.77 -25.55
CA ASN A 149 -22.62 15.05 -26.19
C ASN A 149 -21.15 15.40 -26.06
N HIS A 150 -20.37 14.56 -25.37
CA HIS A 150 -18.93 14.82 -25.20
C HIS A 150 -18.02 13.73 -25.81
N LEU A 151 -18.59 12.58 -26.14
CA LEU A 151 -17.79 11.52 -26.75
C LEU A 151 -17.23 12.02 -28.08
N GLY A 152 -16.01 11.61 -28.40
CA GLY A 152 -15.39 12.04 -29.65
C GLY A 152 -14.70 10.88 -30.36
N PRO A 153 -13.95 11.17 -31.43
CA PRO A 153 -13.25 10.12 -32.18
C PRO A 153 -12.08 9.47 -31.43
N LYS A 154 -11.43 10.22 -30.55
CA LYS A 154 -10.29 9.71 -29.78
C LYS A 154 -10.60 9.34 -28.33
N THR A 155 -11.88 9.30 -27.96
CA THR A 155 -12.27 8.96 -26.60
C THR A 155 -12.04 7.47 -26.37
N ARG A 156 -11.27 7.13 -25.35
CA ARG A 156 -10.96 5.72 -25.08
C ARG A 156 -11.44 5.26 -23.70
N LEU A 157 -11.45 6.19 -22.76
CA LEU A 157 -11.84 5.87 -21.40
C LEU A 157 -12.63 7.01 -20.77
N VAL A 158 -13.68 6.64 -20.05
CA VAL A 158 -14.53 7.57 -19.31
C VAL A 158 -14.37 7.17 -17.84
N ILE A 159 -14.17 8.15 -16.96
CA ILE A 159 -14.02 7.90 -15.53
C ILE A 159 -15.17 8.59 -14.80
N LEU A 160 -15.87 7.84 -13.97
CA LEU A 160 -16.99 8.40 -13.20
C LEU A 160 -17.16 7.71 -11.85
N SER A 161 -17.75 8.44 -10.91
CA SER A 161 -18.04 7.86 -9.61
C SER A 161 -19.49 7.41 -9.72
N HIS A 162 -19.73 6.15 -9.36
CA HIS A 162 -21.07 5.60 -9.42
C HIS A 162 -22.04 6.42 -8.53
N LEU A 163 -21.61 6.72 -7.31
CA LEU A 163 -22.36 7.55 -6.39
C LEU A 163 -21.43 8.76 -6.15
N LEU A 164 -21.86 9.95 -6.56
CA LEU A 164 -21.04 11.15 -6.44
C LEU A 164 -20.83 11.50 -5.00
N TRP A 165 -19.56 11.70 -4.64
CA TRP A 165 -19.17 11.97 -3.26
C TRP A 165 -19.55 13.37 -2.80
N ASN A 166 -19.83 14.28 -3.74
CA ASN A 166 -20.13 15.64 -3.37
C ASN A 166 -21.61 16.01 -3.30
N THR A 167 -22.40 15.53 -4.27
CA THR A 167 -23.84 15.80 -4.34
C THR A 167 -24.75 14.64 -3.94
N GLY A 168 -24.23 13.43 -3.92
CA GLY A 168 -25.07 12.30 -3.53
C GLY A 168 -25.90 11.69 -4.67
N GLN A 169 -25.66 12.13 -5.90
CA GLN A 169 -26.39 11.56 -7.02
C GLN A 169 -25.88 10.16 -7.36
N VAL A 170 -26.78 9.25 -7.69
CA VAL A 170 -26.35 7.94 -8.16
C VAL A 170 -26.39 8.06 -9.68
N LEU A 171 -25.24 8.02 -10.33
CA LEU A 171 -25.22 8.14 -11.79
C LEU A 171 -25.93 6.96 -12.43
N PRO A 172 -26.53 7.17 -13.61
CA PRO A 172 -27.24 6.08 -14.30
C PRO A 172 -26.21 5.21 -15.01
N LEU A 173 -25.52 4.37 -14.24
CA LEU A 173 -24.46 3.53 -14.79
C LEU A 173 -24.79 2.63 -15.99
N ALA A 174 -25.88 1.87 -15.90
CA ALA A 174 -26.26 1.01 -17.00
C ALA A 174 -26.45 1.84 -18.29
N GLU A 175 -27.25 2.90 -18.21
CA GLU A 175 -27.47 3.73 -19.39
C GLU A 175 -26.17 4.34 -19.91
N ILE A 176 -25.26 4.68 -19.00
CA ILE A 176 -23.97 5.24 -19.40
C ILE A 176 -23.11 4.19 -20.08
N MET A 177 -23.20 2.95 -19.64
CA MET A 177 -22.41 1.88 -20.25
C MET A 177 -22.89 1.71 -21.70
N ALA A 178 -24.20 1.67 -21.90
CA ALA A 178 -24.78 1.51 -23.24
C ALA A 178 -24.27 2.62 -24.15
N VAL A 179 -24.33 3.85 -23.64
CA VAL A 179 -23.88 5.01 -24.39
C VAL A 179 -22.43 4.83 -24.86
N CYS A 180 -21.57 4.36 -23.97
CA CYS A 180 -20.16 4.16 -24.35
C CYS A 180 -20.00 2.99 -25.32
N ARG A 181 -20.79 1.95 -25.15
CA ARG A 181 -20.70 0.78 -26.01
C ARG A 181 -21.33 1.01 -27.38
N ARG A 182 -22.24 1.95 -27.49
CA ARG A 182 -22.89 2.23 -28.76
C ARG A 182 -21.99 3.14 -29.60
N HIS A 183 -21.09 3.85 -28.93
CA HIS A 183 -20.19 4.79 -29.60
C HIS A 183 -19.22 4.15 -30.60
N GLN A 184 -19.23 4.66 -31.83
CA GLN A 184 -18.33 4.18 -32.87
C GLN A 184 -17.20 5.19 -32.95
N GLY A 185 -16.01 4.79 -32.50
CA GLY A 185 -14.87 5.69 -32.54
C GLY A 185 -13.62 4.87 -32.81
N ASN A 186 -12.45 5.47 -32.63
CA ASN A 186 -11.22 4.74 -32.85
C ASN A 186 -11.05 3.65 -31.79
N TYR A 187 -11.73 3.83 -30.65
CA TYR A 187 -11.62 2.87 -29.56
C TYR A 187 -12.92 2.37 -28.98
N PRO A 188 -12.95 1.11 -28.52
CA PRO A 188 -14.19 0.66 -27.93
C PRO A 188 -14.12 1.41 -26.59
N VAL A 189 -15.08 2.28 -26.33
CA VAL A 189 -15.04 3.06 -25.10
C VAL A 189 -15.29 2.22 -23.86
N ARG A 190 -14.35 2.32 -22.92
CA ARG A 190 -14.39 1.60 -21.65
C ARG A 190 -14.61 2.59 -20.53
N VAL A 191 -15.13 2.10 -19.41
CA VAL A 191 -15.42 2.95 -18.28
C VAL A 191 -14.80 2.49 -16.96
N LEU A 192 -14.07 3.39 -16.32
CA LEU A 192 -13.46 3.09 -15.02
C LEU A 192 -14.37 3.75 -13.97
N VAL A 193 -14.93 2.94 -13.09
CA VAL A 193 -15.80 3.44 -12.05
C VAL A 193 -15.11 3.60 -10.70
N ASP A 194 -15.25 4.79 -10.12
CA ASP A 194 -14.73 5.05 -8.79
C ASP A 194 -15.94 4.66 -7.90
N GLY A 195 -15.82 3.57 -7.16
CA GLY A 195 -16.90 3.12 -6.29
C GLY A 195 -16.69 3.39 -4.80
N ALA A 196 -16.03 4.50 -4.49
CA ALA A 196 -15.76 4.83 -3.09
C ALA A 196 -17.00 4.93 -2.25
N GLN A 197 -18.02 5.56 -2.80
CA GLN A 197 -19.24 5.70 -2.03
C GLN A 197 -20.25 4.60 -2.33
N SER A 198 -20.22 4.08 -3.55
CA SER A 198 -21.21 3.07 -3.95
C SER A 198 -21.02 1.69 -3.33
N ALA A 199 -19.79 1.19 -3.30
CA ALA A 199 -19.56 -0.17 -2.76
C ALA A 199 -19.89 -0.24 -1.27
N GLY A 200 -20.68 -1.21 -0.85
CA GLY A 200 -21.04 -1.27 0.56
C GLY A 200 -22.31 -0.52 0.91
N SER A 201 -22.85 0.26 -0.04
CA SER A 201 -24.14 0.93 0.21
C SER A 201 -25.11 0.54 -0.91
N LEU A 202 -24.71 0.68 -2.18
CA LEU A 202 -25.59 0.26 -3.26
C LEU A 202 -25.42 -1.25 -3.45
N PRO A 203 -26.49 -1.94 -3.87
CA PRO A 203 -26.40 -3.39 -4.10
C PRO A 203 -25.66 -3.44 -5.42
N LEU A 204 -24.55 -4.16 -5.48
CA LEU A 204 -23.74 -4.24 -6.69
C LEU A 204 -23.56 -5.71 -7.07
N ASP A 205 -23.91 -6.01 -8.31
CA ASP A 205 -23.83 -7.37 -8.82
C ASP A 205 -23.26 -7.18 -10.20
N PHE A 206 -21.98 -7.48 -10.37
CA PHE A 206 -21.34 -7.30 -11.66
C PHE A 206 -21.62 -8.40 -12.67
N SER A 207 -22.58 -9.26 -12.34
CA SER A 207 -22.98 -10.29 -13.30
C SER A 207 -24.13 -9.64 -14.04
N ARG A 208 -25.03 -9.05 -13.25
CA ARG A 208 -26.22 -8.38 -13.76
C ARG A 208 -25.90 -7.01 -14.35
N LEU A 209 -25.05 -6.27 -13.67
CA LEU A 209 -24.63 -4.95 -14.13
C LEU A 209 -23.31 -5.19 -14.85
N GLU A 210 -23.21 -4.80 -16.12
CA GLU A 210 -21.98 -5.03 -16.88
C GLU A 210 -20.98 -3.88 -16.75
N VAL A 211 -19.86 -4.14 -16.09
CA VAL A 211 -18.84 -3.11 -15.91
C VAL A 211 -17.45 -3.54 -16.39
N ASP A 212 -16.63 -2.56 -16.72
CA ASP A 212 -15.27 -2.81 -17.19
C ASP A 212 -14.25 -2.88 -16.03
N TYR A 213 -14.10 -1.77 -15.31
CA TYR A 213 -13.14 -1.65 -14.18
C TYR A 213 -13.92 -0.98 -13.03
N TYR A 214 -13.88 -1.57 -11.82
CA TYR A 214 -14.61 -0.97 -10.71
C TYR A 214 -13.71 -0.93 -9.47
N ALA A 215 -13.25 0.26 -9.09
CA ALA A 215 -12.34 0.42 -7.93
C ALA A 215 -13.12 0.72 -6.65
N PHE A 216 -12.69 0.12 -5.53
CA PHE A 216 -13.44 0.37 -4.29
C PHE A 216 -12.46 0.26 -3.11
N THR A 217 -12.98 0.51 -1.93
CA THR A 217 -12.17 0.37 -0.74
C THR A 217 -13.01 -0.30 0.33
N GLY A 218 -12.34 -0.85 1.34
CA GLY A 218 -13.10 -1.47 2.40
C GLY A 218 -13.34 -0.56 3.61
N HIS A 219 -12.68 0.60 3.66
CA HIS A 219 -12.78 1.42 4.86
C HIS A 219 -13.89 2.43 5.01
N LYS A 220 -14.81 2.46 4.04
CA LYS A 220 -15.91 3.41 4.09
C LYS A 220 -17.20 2.67 4.43
N TRP A 221 -18.07 2.50 3.45
CA TRP A 221 -19.36 1.83 3.71
C TRP A 221 -19.25 0.37 4.19
N PHE A 222 -18.14 -0.31 3.86
CA PHE A 222 -17.91 -1.69 4.28
C PHE A 222 -17.47 -1.74 5.75
N ALA A 223 -17.04 -0.59 6.27
CA ALA A 223 -16.63 -0.46 7.67
C ALA A 223 -15.39 -1.26 8.07
N GLY A 224 -14.49 -1.48 7.11
CA GLY A 224 -13.24 -2.19 7.37
C GLY A 224 -12.23 -1.15 7.86
N PRO A 225 -11.03 -1.57 8.26
CA PRO A 225 -10.00 -0.64 8.74
C PRO A 225 -9.38 0.12 7.59
N ALA A 226 -8.87 1.32 7.87
CA ALA A 226 -8.11 2.07 6.88
C ALA A 226 -6.93 1.19 6.36
N GLY A 227 -6.71 1.21 5.04
CA GLY A 227 -5.61 0.46 4.47
C GLY A 227 -5.90 -0.78 3.64
N VAL A 228 -7.18 -1.13 3.48
CA VAL A 228 -7.49 -2.30 2.64
C VAL A 228 -8.66 -1.94 1.72
N GLY A 229 -8.49 -2.25 0.43
CA GLY A 229 -9.50 -1.98 -0.59
C GLY A 229 -9.37 -3.02 -1.70
N GLY A 230 -10.00 -2.78 -2.84
CA GLY A 230 -9.89 -3.75 -3.91
C GLY A 230 -10.26 -3.18 -5.27
N LEU A 231 -10.06 -4.00 -6.30
CA LEU A 231 -10.36 -3.59 -7.66
C LEU A 231 -10.93 -4.74 -8.46
N TYR A 232 -12.01 -4.48 -9.20
CA TYR A 232 -12.59 -5.51 -10.06
C TYR A 232 -12.24 -5.17 -11.50
N ILE A 233 -11.81 -6.17 -12.27
CA ILE A 233 -11.54 -5.98 -13.70
C ILE A 233 -12.27 -7.12 -14.41
N HIS A 234 -13.14 -6.78 -15.34
CA HIS A 234 -13.89 -7.81 -16.07
C HIS A 234 -12.90 -8.78 -16.72
N GLY A 235 -13.27 -10.06 -16.72
CA GLY A 235 -12.41 -11.07 -17.31
C GLY A 235 -11.88 -10.75 -18.70
N ASP A 236 -12.68 -10.07 -19.51
CA ASP A 236 -12.26 -9.75 -20.87
C ASP A 236 -11.44 -8.47 -21.01
N CYS A 237 -11.31 -7.69 -19.94
CA CYS A 237 -10.51 -6.47 -19.99
C CYS A 237 -9.15 -6.68 -19.32
N LEU A 238 -8.97 -7.84 -18.68
CA LEU A 238 -7.72 -8.15 -17.99
C LEU A 238 -6.50 -8.01 -18.89
N GLY A 239 -6.60 -8.51 -20.12
CA GLY A 239 -5.46 -8.42 -21.01
C GLY A 239 -5.03 -7.03 -21.46
N GLU A 240 -5.89 -6.05 -21.24
CA GLU A 240 -5.59 -4.68 -21.65
C GLU A 240 -4.85 -3.91 -20.57
N ILE A 241 -4.82 -4.48 -19.38
CA ILE A 241 -4.16 -3.83 -18.25
C ILE A 241 -2.81 -4.49 -17.92
N ASN A 242 -1.73 -3.81 -18.34
CA ASN A 242 -0.34 -4.25 -18.11
C ASN A 242 0.08 -3.93 -16.67
N PRO A 243 0.79 -4.86 -16.01
CA PRO A 243 1.19 -4.53 -14.64
C PRO A 243 2.20 -3.40 -14.61
N THR A 244 2.11 -2.54 -13.60
CA THR A 244 3.03 -1.43 -13.42
C THR A 244 3.74 -1.64 -12.09
N TYR A 245 3.13 -1.28 -10.96
CA TYR A 245 3.81 -1.54 -9.70
C TYR A 245 3.67 -3.02 -9.40
N VAL A 246 4.81 -3.71 -9.32
CA VAL A 246 4.80 -5.16 -9.07
C VAL A 246 5.90 -5.52 -8.10
N GLY A 247 5.94 -6.80 -7.75
CA GLY A 247 6.94 -7.31 -6.84
C GLY A 247 6.73 -8.79 -6.69
N TRP A 248 7.19 -9.35 -5.58
CA TRP A 248 7.10 -10.79 -5.36
C TRP A 248 5.68 -11.40 -5.34
N ARG A 249 4.67 -10.60 -5.05
CA ARG A 249 3.30 -11.12 -5.05
C ARG A 249 2.71 -11.14 -6.46
N SER A 250 3.40 -10.51 -7.40
CA SER A 250 2.89 -10.37 -8.78
C SER A 250 3.24 -11.45 -9.77
N ILE A 251 4.26 -12.22 -9.45
CA ILE A 251 4.80 -13.22 -10.37
C ILE A 251 4.64 -14.71 -10.09
N THR A 252 4.93 -15.50 -11.13
CA THR A 252 4.96 -16.96 -11.01
C THR A 252 6.46 -17.19 -10.94
N TYR A 253 6.87 -18.30 -10.33
CA TYR A 253 8.30 -18.59 -10.14
C TYR A 253 8.86 -19.82 -10.84
N GLY A 254 10.13 -19.75 -11.21
CA GLY A 254 10.80 -20.84 -11.89
C GLY A 254 11.66 -21.67 -10.95
N ALA A 255 12.38 -22.62 -11.55
CA ALA A 255 13.27 -23.55 -10.84
C ALA A 255 14.22 -22.93 -9.83
N LYS A 256 14.82 -21.81 -10.19
CA LYS A 256 15.77 -21.17 -9.30
C LYS A 256 15.22 -19.93 -8.57
N GLY A 257 13.90 -19.88 -8.43
CA GLY A 257 13.26 -18.76 -7.76
C GLY A 257 13.15 -17.51 -8.62
N GLU A 258 13.48 -17.64 -9.90
CA GLU A 258 13.41 -16.49 -10.82
C GLU A 258 11.98 -16.24 -11.36
N PRO A 259 11.68 -14.99 -11.74
CA PRO A 259 10.34 -14.69 -12.26
C PRO A 259 10.15 -15.39 -13.59
N THR A 260 8.96 -15.97 -13.80
CA THR A 260 8.69 -16.64 -15.07
C THR A 260 7.43 -16.10 -15.77
N GLY A 261 6.66 -15.29 -15.06
CA GLY A 261 5.46 -14.73 -15.65
C GLY A 261 4.59 -14.03 -14.64
N TRP A 262 3.39 -13.65 -15.04
CA TRP A 262 2.47 -12.98 -14.12
C TRP A 262 1.59 -13.97 -13.37
N ALA A 263 1.35 -13.67 -12.09
CA ALA A 263 0.48 -14.46 -11.25
C ALA A 263 -0.91 -14.47 -11.87
N GLU A 264 -1.72 -15.46 -11.50
CA GLU A 264 -3.07 -15.61 -12.04
C GLU A 264 -4.00 -14.44 -11.68
N GLY A 265 -4.87 -14.08 -12.62
CA GLY A 265 -5.82 -13.01 -12.40
C GLY A 265 -5.34 -11.73 -11.72
N GLY A 266 -6.17 -11.25 -10.80
CA GLY A 266 -5.89 -10.03 -10.09
C GLY A 266 -4.60 -9.98 -9.33
N LYS A 267 -4.03 -11.15 -9.02
CA LYS A 267 -2.78 -11.20 -8.26
C LYS A 267 -1.62 -10.47 -8.92
N ARG A 268 -1.63 -10.40 -10.26
CA ARG A 268 -0.56 -9.76 -11.01
C ARG A 268 -0.40 -8.27 -10.65
N PHE A 269 -1.42 -7.70 -10.03
CA PHE A 269 -1.38 -6.30 -9.65
C PHE A 269 -1.13 -6.08 -8.16
N GLU A 270 -0.91 -7.14 -7.41
CA GLU A 270 -0.61 -7.05 -5.97
C GLU A 270 0.93 -7.01 -5.91
N VAL A 271 1.46 -6.23 -4.98
CA VAL A 271 2.89 -5.97 -4.94
C VAL A 271 3.82 -6.73 -4.02
N ALA A 272 3.76 -6.39 -2.75
CA ALA A 272 4.65 -7.00 -1.75
C ALA A 272 4.01 -7.05 -0.34
N THR A 273 4.82 -6.95 0.71
CA THR A 273 4.26 -7.05 2.06
C THR A 273 3.20 -5.99 2.32
N SER A 274 2.08 -6.43 2.89
CA SER A 274 0.97 -5.54 3.26
C SER A 274 0.56 -5.78 4.72
N ALA A 275 -0.36 -4.94 5.19
CA ALA A 275 -0.88 -5.04 6.56
C ALA A 275 -1.84 -6.23 6.69
N TYR A 276 -1.31 -7.45 6.70
CA TYR A 276 -2.16 -8.65 6.78
C TYR A 276 -3.19 -8.66 7.89
N PRO A 277 -2.85 -8.24 9.11
CA PRO A 277 -3.92 -8.28 10.12
C PRO A 277 -5.15 -7.46 9.69
N GLN A 278 -4.92 -6.36 8.97
CA GLN A 278 -6.01 -5.51 8.52
C GLN A 278 -6.86 -6.26 7.49
N TYR A 279 -6.27 -7.18 6.75
CA TYR A 279 -7.10 -7.95 5.80
C TYR A 279 -8.12 -8.78 6.59
N ALA A 280 -7.71 -9.36 7.73
CA ALA A 280 -8.65 -10.15 8.54
C ALA A 280 -9.76 -9.22 9.08
N GLY A 281 -9.43 -7.96 9.29
CA GLY A 281 -10.41 -7.00 9.76
C GLY A 281 -11.47 -6.74 8.70
N LEU A 282 -11.05 -6.52 7.47
CA LEU A 282 -12.01 -6.27 6.41
C LEU A 282 -12.89 -7.52 6.20
N LEU A 283 -12.27 -8.70 6.17
CA LEU A 283 -13.04 -9.93 5.99
C LEU A 283 -14.15 -10.05 7.05
N ALA A 284 -13.79 -9.81 8.31
CA ALA A 284 -14.77 -9.89 9.40
C ALA A 284 -15.89 -8.87 9.23
N ALA A 285 -15.55 -7.67 8.78
CA ALA A 285 -16.56 -6.64 8.56
C ALA A 285 -17.46 -7.06 7.40
N LEU A 286 -16.88 -7.58 6.34
CA LEU A 286 -17.73 -8.01 5.22
C LEU A 286 -18.72 -9.10 5.69
N GLN A 287 -18.24 -10.03 6.49
CA GLN A 287 -19.12 -11.09 6.98
C GLN A 287 -20.19 -10.56 7.90
N LEU A 288 -19.89 -9.53 8.69
CA LEU A 288 -20.89 -8.97 9.59
C LEU A 288 -22.06 -8.38 8.80
N HIS A 289 -21.75 -7.66 7.73
CA HIS A 289 -22.82 -7.06 6.93
C HIS A 289 -23.77 -8.08 6.34
N GLN A 290 -23.21 -9.13 5.76
CA GLN A 290 -24.04 -10.17 5.16
C GLN A 290 -24.95 -10.85 6.17
N ARG A 291 -24.54 -10.89 7.43
CA ARG A 291 -25.35 -11.49 8.48
C ARG A 291 -26.53 -10.59 8.85
N GLN A 292 -26.36 -9.28 8.68
CA GLN A 292 -27.41 -8.32 9.01
C GLN A 292 -28.58 -8.38 8.05
N GLY A 293 -28.31 -8.78 6.81
CA GLY A 293 -29.34 -8.88 5.80
C GLY A 293 -28.71 -8.79 4.43
N THR A 294 -29.51 -8.93 3.37
CA THR A 294 -28.98 -8.84 2.02
C THR A 294 -28.63 -7.40 1.67
N ALA A 295 -27.78 -7.23 0.67
CA ALA A 295 -27.38 -5.89 0.23
C ALA A 295 -28.64 -5.06 -0.03
N GLU A 296 -29.66 -5.67 -0.61
CA GLU A 296 -30.89 -4.95 -0.92
C GLU A 296 -31.61 -4.41 0.33
N GLU A 297 -31.69 -5.25 1.36
CA GLU A 297 -32.36 -4.85 2.59
C GLU A 297 -31.58 -3.73 3.28
N ARG A 298 -30.26 -3.82 3.21
CA ARG A 298 -29.41 -2.81 3.83
C ARG A 298 -29.57 -1.50 3.07
N TYR A 299 -29.56 -1.59 1.74
CA TYR A 299 -29.73 -0.42 0.89
C TYR A 299 -31.07 0.28 1.18
N GLN A 300 -32.14 -0.50 1.35
CA GLN A 300 -33.44 0.08 1.66
C GLN A 300 -33.44 0.76 3.01
N ALA A 301 -32.68 0.20 3.95
CA ALA A 301 -32.56 0.74 5.29
C ALA A 301 -31.77 2.06 5.19
N ILE A 302 -30.70 2.05 4.43
CA ILE A 302 -29.90 3.27 4.26
C ILE A 302 -30.76 4.38 3.70
N CYS A 303 -31.55 4.07 2.67
CA CYS A 303 -32.45 5.07 2.05
C CYS A 303 -33.57 5.55 2.97
N GLN A 304 -34.06 4.66 3.81
CA GLN A 304 -35.09 4.98 4.78
C GLN A 304 -34.54 6.10 5.68
N ARG A 305 -33.31 5.92 6.17
CA ARG A 305 -32.68 6.91 7.06
C ARG A 305 -32.33 8.22 6.32
N SER A 306 -31.77 8.12 5.11
CA SER A 306 -31.42 9.31 4.38
C SER A 306 -32.67 10.11 4.02
N GLU A 307 -33.80 9.43 3.73
CA GLU A 307 -34.98 10.21 3.39
C GLU A 307 -35.55 10.88 4.64
N PHE A 308 -35.43 10.21 5.78
CA PHE A 308 -35.89 10.76 7.05
C PHE A 308 -35.08 12.03 7.35
N LEU A 309 -33.76 11.94 7.15
CA LEU A 309 -32.90 13.10 7.39
C LEU A 309 -33.23 14.21 6.39
N TRP A 310 -33.34 13.85 5.11
CA TRP A 310 -33.64 14.81 4.03
C TRP A 310 -34.96 15.55 4.27
N ARG A 311 -35.98 14.83 4.70
CA ARG A 311 -37.27 15.45 5.01
C ARG A 311 -37.11 16.45 6.16
N GLY A 312 -36.39 16.04 7.20
CA GLY A 312 -36.18 16.91 8.33
C GLY A 312 -35.45 18.17 7.90
N LEU A 313 -34.45 17.99 7.05
CA LEU A 313 -33.69 19.15 6.58
C LEU A 313 -34.59 20.06 5.74
N ASN A 314 -35.51 19.49 4.97
CA ASN A 314 -36.40 20.34 4.18
C ASN A 314 -37.24 21.23 5.08
N GLN A 315 -37.57 20.74 6.28
CA GLN A 315 -38.38 21.50 7.23
C GLN A 315 -37.69 22.68 7.90
N LEU A 316 -36.35 22.68 7.92
CA LEU A 316 -35.62 23.77 8.56
C LEU A 316 -35.58 24.90 7.57
N PRO A 317 -36.01 26.11 7.96
CA PRO A 317 -36.02 27.26 7.05
C PRO A 317 -34.69 27.75 6.48
N HIS A 318 -33.59 27.55 7.19
CA HIS A 318 -32.32 28.04 6.67
C HIS A 318 -31.36 27.00 6.10
N VAL A 319 -31.85 25.78 5.92
CA VAL A 319 -31.06 24.69 5.36
C VAL A 319 -31.66 24.42 3.99
N HIS A 320 -30.81 24.14 3.02
CA HIS A 320 -31.33 23.87 1.68
C HIS A 320 -30.66 22.64 1.10
N CYS A 321 -31.42 21.56 0.99
CA CYS A 321 -30.89 20.32 0.43
C CYS A 321 -30.60 20.50 -1.05
N LEU A 322 -29.50 19.93 -1.53
CA LEU A 322 -29.18 20.03 -2.95
C LEU A 322 -30.20 19.25 -3.77
N ALA A 323 -30.61 18.09 -3.25
CA ALA A 323 -31.55 17.21 -3.96
C ALA A 323 -33.00 17.63 -3.72
N THR A 324 -33.77 17.75 -4.79
CA THR A 324 -35.16 18.16 -4.61
C THR A 324 -36.10 16.97 -4.52
N SER A 325 -35.56 15.77 -4.70
CA SER A 325 -36.34 14.55 -4.55
C SER A 325 -35.54 13.70 -3.56
N ALA A 326 -36.17 12.68 -2.97
CA ALA A 326 -35.48 11.86 -1.96
C ALA A 326 -34.10 11.36 -2.41
N PRO A 327 -33.14 11.33 -1.48
CA PRO A 327 -31.80 10.86 -1.82
C PRO A 327 -31.84 9.45 -2.43
N GLN A 328 -30.95 9.20 -3.38
CA GLN A 328 -30.91 7.88 -4.03
C GLN A 328 -30.05 6.88 -3.27
N ALA A 329 -29.34 7.37 -2.25
CA ALA A 329 -28.44 6.51 -1.48
C ALA A 329 -28.32 7.14 -0.10
N GLY A 330 -27.20 6.92 0.60
CA GLY A 330 -27.09 7.48 1.93
C GLY A 330 -26.46 8.87 2.08
N LEU A 331 -26.10 9.50 0.97
CA LEU A 331 -25.50 10.83 1.02
C LEU A 331 -26.55 11.91 0.88
N VAL A 332 -26.49 12.88 1.78
CA VAL A 332 -27.41 14.02 1.80
C VAL A 332 -26.59 15.27 1.93
N SER A 333 -26.49 16.02 0.84
CA SER A 333 -25.75 17.27 0.85
C SER A 333 -26.65 18.47 0.95
N PHE A 334 -26.18 19.51 1.62
CA PHE A 334 -27.01 20.68 1.81
C PHE A 334 -26.20 21.91 2.16
N THR A 335 -26.81 23.08 1.98
CA THR A 335 -26.14 24.32 2.32
C THR A 335 -26.89 24.94 3.51
N VAL A 336 -26.23 25.87 4.19
CA VAL A 336 -26.82 26.55 5.33
C VAL A 336 -26.68 28.06 5.12
N ASP A 337 -27.79 28.77 5.28
CA ASP A 337 -27.82 30.23 5.11
C ASP A 337 -27.36 30.82 6.43
N SER A 338 -26.09 31.21 6.49
CA SER A 338 -25.53 31.75 7.70
C SER A 338 -24.28 32.57 7.37
N PRO A 339 -23.95 33.56 8.23
CA PRO A 339 -22.76 34.36 7.97
C PRO A 339 -21.48 33.58 8.22
N LEU A 340 -21.62 32.44 8.89
CA LEU A 340 -20.47 31.60 9.24
C LEU A 340 -19.64 30.85 8.20
N GLY A 341 -20.27 30.24 7.21
CA GLY A 341 -19.45 29.48 6.26
C GLY A 341 -19.53 28.00 6.66
N HIS A 342 -19.59 27.12 5.69
CA HIS A 342 -19.70 25.70 5.96
C HIS A 342 -18.57 25.10 6.76
N ARG A 343 -17.34 25.57 6.56
CA ARG A 343 -16.23 25.02 7.34
C ARG A 343 -16.42 25.30 8.85
N ALA A 344 -16.78 26.54 9.18
CA ALA A 344 -16.98 26.90 10.57
C ALA A 344 -18.15 26.12 11.16
N ILE A 345 -19.21 25.93 10.35
CA ILE A 345 -20.36 25.17 10.86
C ILE A 345 -19.99 23.71 11.12
N VAL A 346 -19.23 23.08 10.23
CA VAL A 346 -18.81 21.70 10.45
C VAL A 346 -17.91 21.64 11.69
N GLN A 347 -17.07 22.66 11.93
CA GLN A 347 -16.22 22.63 13.12
C GLN A 347 -17.05 22.76 14.39
N LYS A 348 -18.08 23.63 14.37
CA LYS A 348 -18.94 23.82 15.51
C LYS A 348 -19.74 22.53 15.80
N LEU A 349 -20.19 21.86 14.74
CA LEU A 349 -20.88 20.61 14.92
C LEU A 349 -19.94 19.58 15.53
N GLU A 350 -18.67 19.55 15.09
CA GLU A 350 -17.74 18.59 15.65
C GLU A 350 -17.47 18.85 17.14
N GLU A 351 -17.46 20.12 17.53
CA GLU A 351 -17.25 20.50 18.93
C GLU A 351 -18.36 19.85 19.81
N GLN A 352 -19.50 19.57 19.18
CA GLN A 352 -20.66 18.95 19.81
C GLN A 352 -20.71 17.43 19.54
N ARG A 353 -19.62 16.90 19.01
CA ARG A 353 -19.49 15.49 18.65
C ARG A 353 -20.53 15.02 17.62
N ILE A 354 -20.81 15.93 16.70
CA ILE A 354 -21.70 15.65 15.56
C ILE A 354 -20.72 15.74 14.39
N TYR A 355 -20.60 14.64 13.64
CA TYR A 355 -19.61 14.51 12.58
C TYR A 355 -20.09 14.45 11.13
N LEU A 356 -19.84 15.55 10.42
CA LEU A 356 -20.19 15.65 9.00
C LEU A 356 -18.94 16.15 8.28
N ARG A 357 -19.03 16.39 6.97
CA ARG A 357 -17.87 16.91 6.27
C ARG A 357 -18.16 18.05 5.32
N THR A 358 -17.19 18.95 5.17
CA THR A 358 -17.35 20.07 4.26
C THR A 358 -17.01 19.58 2.87
N ILE A 359 -17.73 20.08 1.86
CA ILE A 359 -17.49 19.69 0.49
C ILE A 359 -17.00 20.98 -0.21
N ALA A 360 -15.91 20.90 -0.97
CA ALA A 360 -15.37 22.10 -1.62
C ALA A 360 -16.14 22.56 -2.84
N ASP A 361 -16.62 21.60 -3.62
CA ASP A 361 -17.37 21.93 -4.84
C ASP A 361 -18.45 20.89 -5.16
N PRO A 362 -19.73 21.31 -5.11
CA PRO A 362 -20.15 22.68 -4.76
C PRO A 362 -19.87 22.90 -3.28
N ASP A 363 -19.85 24.16 -2.88
CA ASP A 363 -19.62 24.56 -1.48
C ASP A 363 -20.82 24.14 -0.63
N CYS A 364 -20.67 23.07 0.15
CA CYS A 364 -21.78 22.59 0.94
C CYS A 364 -21.31 21.65 2.06
N ILE A 365 -22.28 21.07 2.76
CA ILE A 365 -22.01 20.11 3.87
C ILE A 365 -22.66 18.77 3.50
N ARG A 366 -21.98 17.67 3.79
CA ARG A 366 -22.48 16.34 3.45
C ARG A 366 -22.65 15.46 4.68
N ALA A 367 -23.80 14.82 4.78
CA ALA A 367 -24.04 13.88 5.86
C ALA A 367 -24.22 12.53 5.19
N CYS A 368 -23.73 11.49 5.84
CA CYS A 368 -23.85 10.10 5.39
C CYS A 368 -24.67 9.30 6.42
N CYS A 369 -25.76 8.66 5.97
CA CYS A 369 -26.60 7.83 6.85
C CYS A 369 -26.37 6.38 6.45
N HIS A 370 -26.05 5.55 7.44
CA HIS A 370 -25.81 4.14 7.16
C HIS A 370 -26.99 3.35 7.71
N TYR A 371 -27.04 2.03 7.47
CA TYR A 371 -28.19 1.27 7.96
C TYR A 371 -28.15 1.21 9.50
N ILE A 372 -26.99 1.48 10.09
CA ILE A 372 -26.85 1.49 11.53
C ILE A 372 -27.14 2.86 12.14
N THR A 373 -27.40 3.87 11.31
CA THR A 373 -27.73 5.21 11.80
C THR A 373 -29.17 5.13 12.35
N ASP A 374 -29.50 5.86 13.41
CA ASP A 374 -30.87 5.82 13.89
C ASP A 374 -31.55 7.16 13.93
N GLU A 375 -32.86 7.13 14.17
CA GLU A 375 -33.60 8.36 14.19
C GLU A 375 -33.18 9.39 15.26
N GLU A 376 -32.78 8.94 16.46
CA GLU A 376 -32.36 9.88 17.48
C GLU A 376 -31.14 10.68 17.00
N GLU A 377 -30.20 9.99 16.34
CA GLU A 377 -29.02 10.67 15.81
C GLU A 377 -29.42 11.72 14.79
N ILE A 378 -30.32 11.34 13.88
CA ILE A 378 -30.76 12.28 12.87
C ILE A 378 -31.46 13.47 13.51
N ASN A 379 -32.34 13.20 14.48
CA ASN A 379 -33.05 14.28 15.13
C ASN A 379 -32.11 15.20 15.93
N HIS A 380 -31.02 14.64 16.46
CA HIS A 380 -30.04 15.44 17.21
C HIS A 380 -29.28 16.37 16.26
N LEU A 381 -28.91 15.85 15.10
CA LEU A 381 -28.28 16.67 14.09
C LEU A 381 -29.24 17.82 13.66
N LEU A 382 -30.50 17.47 13.43
CA LEU A 382 -31.47 18.50 13.06
C LEU A 382 -31.59 19.59 14.12
N ALA A 383 -31.65 19.19 15.39
CA ALA A 383 -31.78 20.13 16.49
C ALA A 383 -30.67 21.18 16.49
N ARG A 384 -29.43 20.72 16.32
CA ARG A 384 -28.27 21.64 16.33
C ARG A 384 -28.17 22.50 15.09
N LEU A 385 -28.55 21.97 13.93
CA LEU A 385 -28.51 22.77 12.71
C LEU A 385 -29.54 23.90 12.75
N ALA A 386 -30.62 23.64 13.49
CA ALA A 386 -31.72 24.60 13.58
C ALA A 386 -31.29 25.97 14.10
N ASP A 387 -30.17 26.02 14.80
CA ASP A 387 -29.73 27.28 15.37
C ASP A 387 -29.02 28.24 14.42
N PHE A 388 -28.51 27.72 13.31
CA PHE A 388 -27.83 28.57 12.35
C PHE A 388 -28.87 29.31 11.48
N GLY A 389 -28.62 30.59 11.23
CA GLY A 389 -29.54 31.39 10.43
C GLY A 389 -28.92 32.68 9.89
N PRO A 390 -29.54 33.30 8.87
CA PRO A 390 -29.04 34.54 8.27
C PRO A 390 -29.26 35.75 9.17
N GLN B 10 10.39 -7.19 26.29
CA GLN B 10 9.86 -6.30 25.20
C GLN B 10 9.62 -7.02 23.88
N PHE B 11 10.27 -8.16 23.67
CA PHE B 11 10.09 -8.92 22.43
C PHE B 11 9.55 -10.29 22.81
N PRO B 12 8.31 -10.32 23.34
CA PRO B 12 7.56 -11.49 23.80
C PRO B 12 7.60 -12.70 22.88
N GLY B 13 7.52 -12.43 21.58
CA GLY B 13 7.54 -13.51 20.60
C GLY B 13 8.78 -14.37 20.61
N LEU B 14 9.87 -13.92 21.24
CA LEU B 14 11.09 -14.73 21.29
C LEU B 14 10.98 -15.96 22.20
N ALA B 15 10.13 -15.86 23.22
CA ALA B 15 9.96 -16.96 24.16
C ALA B 15 9.30 -18.19 23.53
N ASN B 16 9.79 -19.36 23.91
CA ASN B 16 9.24 -20.62 23.41
C ASN B 16 9.40 -20.92 21.92
N LYS B 17 10.34 -20.21 21.29
CA LYS B 17 10.72 -20.48 19.92
C LYS B 17 12.20 -20.10 19.80
N THR B 18 12.84 -20.53 18.72
CA THR B 18 14.25 -20.22 18.48
C THR B 18 14.21 -19.59 17.09
N TYR B 19 14.12 -18.26 17.09
CA TYR B 19 13.93 -17.46 15.89
C TYR B 19 15.12 -16.90 15.18
N PHE B 20 15.27 -17.22 13.89
CA PHE B 20 16.38 -16.72 13.09
C PHE B 20 15.89 -16.15 11.75
N ASN B 21 14.63 -15.68 11.73
CA ASN B 21 14.03 -15.11 10.53
C ASN B 21 13.75 -13.62 10.56
N PHE B 22 14.59 -12.85 11.27
CA PHE B 22 14.43 -11.40 11.34
C PHE B 22 14.44 -10.76 9.95
N GLY B 23 15.24 -11.34 9.05
CA GLY B 23 15.33 -10.85 7.69
C GLY B 23 14.05 -11.03 6.90
N GLY B 24 13.21 -11.97 7.34
CA GLY B 24 11.92 -12.20 6.72
C GLY B 24 10.97 -11.19 7.36
N GLN B 25 10.80 -11.33 8.67
CA GLN B 25 10.01 -10.35 9.43
C GLN B 25 10.49 -10.33 10.88
N GLY B 26 10.61 -9.14 11.44
CA GLY B 26 11.07 -9.03 12.81
C GLY B 26 10.01 -9.37 13.84
N ILE B 27 10.43 -9.77 15.04
CA ILE B 27 9.48 -10.05 16.11
C ILE B 27 9.03 -8.67 16.58
N LEU B 28 7.72 -8.45 16.62
CA LEU B 28 7.15 -7.17 17.00
C LEU B 28 7.25 -6.90 18.49
N PRO B 29 7.85 -5.79 18.88
CA PRO B 29 7.97 -5.48 20.32
C PRO B 29 6.62 -5.07 20.90
N THR B 30 6.46 -5.32 22.19
CA THR B 30 5.23 -4.98 22.89
C THR B 30 4.84 -3.51 22.69
N VAL B 31 5.82 -2.60 22.77
CA VAL B 31 5.50 -1.18 22.59
C VAL B 31 4.83 -0.88 21.22
N ALA B 32 5.20 -1.67 20.22
CA ALA B 32 4.67 -1.47 18.86
C ALA B 32 3.20 -1.94 18.84
N LEU B 33 2.94 -3.10 19.41
CA LEU B 33 1.55 -3.58 19.42
C LEU B 33 0.68 -2.62 20.24
N GLU B 34 1.22 -2.11 21.36
CA GLU B 34 0.46 -1.19 22.17
C GLU B 34 0.11 0.06 21.38
N ALA B 35 1.06 0.59 20.60
CA ALA B 35 0.85 1.79 19.80
C ALA B 35 -0.19 1.59 18.70
N ILE B 36 -0.18 0.40 18.11
CA ILE B 36 -1.15 0.05 17.03
C ILE B 36 -2.57 0.02 17.66
N THR B 37 -2.73 -0.75 18.72
CA THR B 37 -4.02 -0.82 19.43
C THR B 37 -4.48 0.55 19.90
N ALA B 38 -3.59 1.35 20.47
CA ALA B 38 -3.98 2.68 20.93
C ALA B 38 -4.50 3.59 19.79
N MET B 39 -3.90 3.46 18.61
CA MET B 39 -4.31 4.27 17.47
C MET B 39 -5.73 3.89 17.03
N TYR B 40 -6.05 2.59 17.01
CA TYR B 40 -7.43 2.19 16.65
C TYR B 40 -8.37 2.83 17.63
N GLY B 41 -7.97 2.82 18.91
CA GLY B 41 -8.78 3.43 19.96
C GLY B 41 -8.95 4.92 19.77
N TYR B 42 -7.87 5.61 19.41
CA TYR B 42 -7.98 7.03 19.20
C TYR B 42 -8.99 7.31 18.06
N LEU B 43 -8.88 6.55 16.97
CA LEU B 43 -9.81 6.71 15.84
C LEU B 43 -11.25 6.40 16.25
N GLN B 44 -11.47 5.38 17.06
CA GLN B 44 -12.86 5.08 17.46
C GLN B 44 -13.40 6.25 18.28
N GLU B 45 -12.63 6.72 19.26
CA GLU B 45 -13.09 7.79 20.14
C GLU B 45 -13.33 9.14 19.50
N ASN B 46 -12.47 9.53 18.56
CA ASN B 46 -12.52 10.84 17.96
C ASN B 46 -13.02 10.96 16.51
N GLY B 47 -13.28 9.83 15.86
CA GLY B 47 -13.70 9.84 14.47
C GLY B 47 -14.44 8.58 14.07
N PRO B 48 -13.88 7.70 13.22
CA PRO B 48 -12.56 7.75 12.57
C PRO B 48 -12.27 8.80 11.52
N PHE B 49 -13.29 9.44 10.97
CA PHE B 49 -13.06 10.53 10.01
C PHE B 49 -13.63 11.80 10.66
N SER B 50 -12.78 12.79 10.95
CA SER B 50 -13.19 14.04 11.58
C SER B 50 -12.03 15.01 11.49
N ILE B 51 -12.27 16.24 11.92
CA ILE B 51 -11.19 17.22 11.92
C ILE B 51 -10.12 16.71 12.88
N ALA B 52 -10.52 16.31 14.08
CA ALA B 52 -9.56 15.84 15.07
C ALA B 52 -8.81 14.61 14.62
N ALA B 53 -9.54 13.60 14.13
CA ALA B 53 -8.90 12.36 13.70
C ALA B 53 -7.94 12.61 12.53
N ASN B 54 -8.40 13.38 11.52
CA ASN B 54 -7.56 13.64 10.36
C ASN B 54 -6.28 14.39 10.75
N GLN B 55 -6.41 15.34 11.68
CA GLN B 55 -5.22 16.06 12.15
C GLN B 55 -4.26 15.10 12.85
N HIS B 56 -4.80 14.24 13.71
CA HIS B 56 -4.00 13.30 14.48
C HIS B 56 -3.25 12.37 13.51
N ILE B 57 -3.91 11.97 12.44
CA ILE B 57 -3.26 11.08 11.46
C ILE B 57 -2.11 11.84 10.77
N GLN B 58 -2.35 13.09 10.38
CA GLN B 58 -1.30 13.84 9.72
C GLN B 58 -0.14 14.03 10.66
N GLN B 59 -0.43 14.26 11.94
CA GLN B 59 0.66 14.46 12.92
C GLN B 59 1.47 13.19 13.09
N LEU B 60 0.76 12.06 13.11
CA LEU B 60 1.42 10.78 13.22
C LEU B 60 2.31 10.55 12.00
N ILE B 61 1.82 10.87 10.82
CA ILE B 61 2.62 10.66 9.62
C ILE B 61 3.90 11.51 9.69
N ALA B 62 3.77 12.75 10.13
CA ALA B 62 4.93 13.64 10.23
C ALA B 62 5.95 13.11 11.23
N GLN B 63 5.47 12.55 12.33
CA GLN B 63 6.33 12.00 13.38
C GLN B 63 7.10 10.82 12.85
N LEU B 64 6.43 9.95 12.07
CA LEU B 64 7.12 8.78 11.52
C LEU B 64 8.16 9.23 10.47
N ARG B 65 7.80 10.21 9.65
CA ARG B 65 8.72 10.67 8.59
C ARG B 65 9.94 11.26 9.27
N GLN B 66 9.71 12.02 10.33
CA GLN B 66 10.81 12.66 11.05
C GLN B 66 11.69 11.62 11.73
N ALA B 67 11.08 10.60 12.35
CA ALA B 67 11.88 9.56 12.99
C ALA B 67 12.73 8.80 11.95
N LEU B 68 12.16 8.55 10.76
CA LEU B 68 12.91 7.85 9.73
C LEU B 68 14.09 8.74 9.27
N ALA B 69 13.83 10.04 9.16
CA ALA B 69 14.83 11.02 8.78
C ALA B 69 16.00 10.99 9.75
N GLU B 70 15.72 11.00 11.05
CA GLU B 70 16.75 10.97 12.09
C GLU B 70 17.51 9.65 12.07
N THR B 71 16.83 8.58 11.69
CA THR B 71 17.47 7.28 11.66
C THR B 71 18.65 7.26 10.67
N PHE B 72 18.48 7.93 9.54
CA PHE B 72 19.47 7.95 8.48
C PHE B 72 20.22 9.26 8.40
N ASN B 73 19.99 10.14 9.36
CA ASN B 73 20.64 11.44 9.41
C ASN B 73 20.42 12.30 8.17
N VAL B 74 19.16 12.41 7.75
CA VAL B 74 18.79 13.21 6.59
C VAL B 74 17.57 14.12 6.88
N ASP B 75 17.26 15.03 5.95
CA ASP B 75 16.12 15.95 6.12
C ASP B 75 14.83 15.16 5.83
N PRO B 76 13.74 15.39 6.59
CA PRO B 76 12.47 14.67 6.36
C PRO B 76 11.96 14.77 4.92
N ASN B 77 12.35 15.85 4.25
CA ASN B 77 11.98 16.12 2.87
C ASN B 77 12.46 15.03 1.88
N THR B 78 13.44 14.23 2.29
CA THR B 78 13.97 13.17 1.45
C THR B 78 13.31 11.83 1.69
N ILE B 79 12.38 11.77 2.64
CA ILE B 79 11.73 10.52 3.01
C ILE B 79 10.31 10.35 2.53
N THR B 80 10.08 9.21 1.88
CA THR B 80 8.73 8.83 1.42
C THR B 80 8.30 7.62 2.25
N ILE B 81 7.08 7.65 2.78
CA ILE B 81 6.55 6.50 3.52
C ILE B 81 5.87 5.58 2.50
N THR B 82 6.20 4.30 2.56
CA THR B 82 5.66 3.27 1.68
C THR B 82 5.12 2.11 2.54
N ASP B 83 4.71 1.02 1.87
CA ASP B 83 4.24 -0.16 2.59
C ASP B 83 5.31 -1.24 2.74
N ASN B 84 6.36 -1.19 1.92
CA ASN B 84 7.36 -2.25 1.94
C ASN B 84 8.62 -1.84 1.15
N VAL B 85 9.60 -2.72 1.06
CA VAL B 85 10.82 -2.36 0.31
C VAL B 85 10.51 -2.19 -1.17
N THR B 86 9.75 -3.13 -1.72
CA THR B 86 9.46 -3.16 -3.13
C THR B 86 8.86 -1.87 -3.67
N THR B 87 7.85 -1.34 -2.98
CA THR B 87 7.24 -0.10 -3.44
C THR B 87 8.24 1.03 -3.67
N GLY B 88 9.23 1.15 -2.79
CA GLY B 88 10.24 2.19 -2.96
C GLY B 88 10.97 2.03 -4.29
N CYS B 89 11.28 0.77 -4.62
CA CYS B 89 11.96 0.46 -5.87
C CYS B 89 11.04 0.78 -7.03
N ASP B 90 9.74 0.45 -6.90
CA ASP B 90 8.78 0.75 -7.96
C ASP B 90 8.68 2.27 -8.24
N ILE B 91 8.75 3.07 -7.16
CA ILE B 91 8.65 4.53 -7.28
C ILE B 91 9.82 5.06 -8.09
N VAL B 92 11.03 4.65 -7.72
CA VAL B 92 12.24 5.09 -8.43
C VAL B 92 12.29 4.59 -9.87
N LEU B 93 12.05 3.30 -10.06
CA LEU B 93 12.11 2.72 -11.41
C LEU B 93 11.10 3.28 -12.39
N TRP B 94 9.83 3.33 -12.01
CA TRP B 94 8.77 3.84 -12.90
C TRP B 94 8.81 5.37 -13.05
N GLY B 95 9.49 6.04 -12.13
CA GLY B 95 9.57 7.50 -12.17
C GLY B 95 10.65 8.07 -13.08
N LEU B 96 11.67 7.28 -13.38
CA LEU B 96 12.74 7.75 -14.25
C LEU B 96 12.27 7.81 -15.71
N ASP B 97 12.72 8.83 -16.42
CA ASP B 97 12.32 9.03 -17.84
C ASP B 97 13.15 8.13 -18.75
N TRP B 98 12.69 6.88 -18.92
CA TRP B 98 13.38 5.90 -19.74
C TRP B 98 13.23 6.07 -21.26
N HIS B 99 14.34 5.88 -21.96
CA HIS B 99 14.39 5.95 -23.41
C HIS B 99 14.93 4.62 -23.90
N GLN B 100 14.43 4.16 -25.05
CA GLN B 100 14.87 2.91 -25.66
C GLN B 100 16.39 2.78 -25.63
N GLY B 101 16.89 1.62 -25.19
CA GLY B 101 18.31 1.41 -25.17
C GLY B 101 19.02 1.83 -23.91
N ASP B 102 18.29 2.46 -22.98
CA ASP B 102 18.91 2.85 -21.72
C ASP B 102 19.21 1.51 -21.06
N GLU B 103 20.25 1.48 -20.25
CA GLU B 103 20.58 0.21 -19.62
C GLU B 103 20.60 0.25 -18.10
N ILE B 104 20.11 -0.85 -17.52
CA ILE B 104 20.12 -1.02 -16.08
C ILE B 104 20.97 -2.24 -15.80
N LEU B 105 21.92 -2.08 -14.88
CA LEU B 105 22.80 -3.16 -14.45
C LEU B 105 22.32 -3.58 -13.04
N LEU B 106 22.21 -4.88 -12.78
CA LEU B 106 21.78 -5.37 -11.45
C LEU B 106 22.79 -6.44 -10.99
N THR B 107 23.00 -6.59 -9.69
CA THR B 107 23.91 -7.64 -9.23
C THR B 107 23.17 -8.96 -9.53
N ASP B 108 23.89 -10.09 -9.45
CA ASP B 108 23.25 -11.38 -9.69
C ASP B 108 22.64 -11.96 -8.40
N CYS B 109 22.36 -11.09 -7.44
CA CYS B 109 21.82 -11.50 -6.15
C CYS B 109 20.64 -10.63 -5.74
N GLU B 110 19.92 -10.08 -6.70
CA GLU B 110 18.78 -9.23 -6.37
C GLU B 110 17.51 -10.06 -6.22
N HIS B 111 16.56 -9.49 -5.48
CA HIS B 111 15.31 -10.16 -5.20
C HIS B 111 14.47 -10.33 -6.45
N PRO B 112 13.80 -11.50 -6.60
CA PRO B 112 12.99 -11.73 -7.79
C PRO B 112 11.95 -10.66 -8.08
N GLY B 113 11.37 -10.09 -7.03
CA GLY B 113 10.34 -9.08 -7.22
C GLY B 113 10.93 -7.82 -7.84
N ILE B 114 12.17 -7.48 -7.48
CA ILE B 114 12.81 -6.30 -8.05
C ILE B 114 13.14 -6.58 -9.53
N ILE B 115 13.63 -7.77 -9.83
CA ILE B 115 13.95 -8.13 -11.20
C ILE B 115 12.68 -8.01 -12.03
N ALA B 116 11.54 -8.40 -11.47
CA ALA B 116 10.27 -8.34 -12.19
C ALA B 116 9.86 -6.91 -12.53
N ILE B 117 10.27 -5.94 -11.71
CA ILE B 117 9.92 -4.55 -12.01
C ILE B 117 10.75 -4.16 -13.22
N VAL B 118 12.05 -4.46 -13.16
CA VAL B 118 12.99 -4.14 -14.23
C VAL B 118 12.55 -4.74 -15.56
N GLN B 119 11.94 -5.92 -15.48
CA GLN B 119 11.47 -6.59 -16.68
C GLN B 119 10.25 -5.89 -17.24
N ALA B 120 9.37 -5.44 -16.36
CA ALA B 120 8.18 -4.72 -16.81
C ALA B 120 8.62 -3.38 -17.45
N ILE B 121 9.67 -2.77 -16.89
CA ILE B 121 10.20 -1.51 -17.41
C ILE B 121 10.83 -1.75 -18.77
N ALA B 122 11.61 -2.84 -18.89
CA ALA B 122 12.27 -3.18 -20.15
C ALA B 122 11.20 -3.29 -21.23
N ALA B 123 10.15 -4.04 -20.95
CA ALA B 123 9.08 -4.20 -21.91
C ALA B 123 8.35 -2.91 -22.29
N ARG B 124 8.17 -2.00 -21.33
CA ARG B 124 7.45 -0.80 -21.67
C ARG B 124 8.25 0.32 -22.29
N PHE B 125 9.51 0.47 -21.93
CA PHE B 125 10.27 1.55 -22.53
C PHE B 125 11.39 1.09 -23.48
N GLY B 126 11.53 -0.23 -23.62
CA GLY B 126 12.56 -0.77 -24.50
C GLY B 126 13.95 -0.56 -23.95
N ILE B 127 14.07 -0.65 -22.63
CA ILE B 127 15.37 -0.51 -22.00
C ILE B 127 15.93 -1.93 -21.94
N THR B 128 17.19 -2.06 -21.54
CA THR B 128 17.79 -3.39 -21.40
C THR B 128 18.48 -3.53 -20.05
N TYR B 129 18.69 -4.76 -19.60
CA TYR B 129 19.34 -5.00 -18.33
C TYR B 129 20.24 -6.23 -18.37
N ARG B 130 21.29 -6.20 -17.55
CA ARG B 130 22.23 -7.30 -17.47
C ARG B 130 22.61 -7.44 -16.02
N PHE B 131 23.11 -8.61 -15.64
CA PHE B 131 23.55 -8.81 -14.27
C PHE B 131 25.05 -8.83 -14.22
N PHE B 132 25.64 -8.28 -13.16
CA PHE B 132 27.07 -8.40 -13.02
C PHE B 132 27.15 -9.43 -11.90
N PRO B 133 28.12 -10.35 -11.98
CA PRO B 133 28.30 -11.39 -10.97
C PRO B 133 28.90 -10.92 -9.67
N VAL B 134 28.07 -10.84 -8.64
CA VAL B 134 28.57 -10.40 -7.34
C VAL B 134 28.60 -11.56 -6.34
N ALA B 135 27.74 -12.55 -6.54
CA ALA B 135 27.67 -13.70 -5.64
C ALA B 135 29.05 -14.28 -5.37
N ALA B 136 29.81 -14.47 -6.44
CA ALA B 136 31.16 -15.01 -6.38
C ALA B 136 32.16 -14.16 -5.60
N THR B 137 31.79 -12.93 -5.25
CA THR B 137 32.73 -12.08 -4.51
C THR B 137 32.56 -12.12 -2.99
N LEU B 138 31.80 -13.10 -2.49
CA LEU B 138 31.64 -13.22 -1.06
C LEU B 138 32.99 -13.43 -0.35
N ASN B 139 33.80 -14.33 -0.90
CA ASN B 139 35.07 -14.70 -0.31
C ASN B 139 36.32 -14.23 -1.03
N GLN B 140 36.14 -13.72 -2.24
CA GLN B 140 37.26 -13.23 -3.05
C GLN B 140 36.75 -12.15 -3.99
N GLY B 141 37.67 -11.58 -4.77
CA GLY B 141 37.27 -10.58 -5.74
C GLY B 141 36.92 -9.22 -5.20
N ASP B 142 36.34 -8.41 -6.08
CA ASP B 142 35.97 -7.04 -5.77
C ASP B 142 34.71 -6.73 -6.55
N ALA B 143 33.60 -6.53 -5.83
CA ALA B 143 32.33 -6.27 -6.49
C ALA B 143 32.36 -4.93 -7.22
N ALA B 144 33.09 -3.97 -6.67
CA ALA B 144 33.24 -2.63 -7.26
C ALA B 144 33.98 -2.74 -8.59
N ALA B 145 35.02 -3.59 -8.62
CA ALA B 145 35.80 -3.82 -9.83
C ALA B 145 34.94 -4.52 -10.89
N VAL B 146 34.16 -5.51 -10.45
CA VAL B 146 33.28 -6.24 -11.36
C VAL B 146 32.29 -5.25 -11.96
N LEU B 147 31.87 -4.27 -11.16
CA LEU B 147 30.93 -3.29 -11.66
C LEU B 147 31.62 -2.45 -12.71
N ALA B 148 32.83 -1.98 -12.39
CA ALA B 148 33.57 -1.18 -13.33
C ALA B 148 33.66 -1.90 -14.67
N ASN B 149 34.05 -3.18 -14.68
CA ASN B 149 34.15 -3.86 -15.96
C ASN B 149 32.83 -4.11 -16.69
N HIS B 150 31.71 -3.76 -16.08
CA HIS B 150 30.41 -3.91 -16.76
C HIS B 150 29.78 -2.56 -17.13
N LEU B 151 30.21 -1.50 -16.45
CA LEU B 151 29.72 -0.14 -16.69
C LEU B 151 29.99 0.21 -18.13
N GLY B 152 28.99 0.77 -18.80
CA GLY B 152 29.15 1.16 -20.19
C GLY B 152 28.67 2.57 -20.47
N PRO B 153 28.69 2.98 -21.75
CA PRO B 153 28.23 4.32 -22.11
C PRO B 153 26.73 4.54 -21.89
N LYS B 154 25.94 3.47 -22.02
CA LYS B 154 24.48 3.55 -21.88
C LYS B 154 23.91 3.20 -20.50
N THR B 155 24.78 2.79 -19.57
CA THR B 155 24.31 2.44 -18.25
C THR B 155 23.71 3.71 -17.61
N ARG B 156 22.45 3.63 -17.18
CA ARG B 156 21.82 4.78 -16.56
C ARG B 156 21.60 4.55 -15.06
N LEU B 157 21.39 3.30 -14.68
CA LEU B 157 21.15 2.98 -13.26
C LEU B 157 21.68 1.61 -12.87
N VAL B 158 22.23 1.51 -11.66
CA VAL B 158 22.73 0.24 -11.11
C VAL B 158 21.84 -0.08 -9.90
N ILE B 159 21.35 -1.31 -9.81
CA ILE B 159 20.51 -1.71 -8.67
C ILE B 159 21.29 -2.76 -7.90
N LEU B 160 21.41 -2.56 -6.60
CA LEU B 160 22.13 -3.51 -5.77
C LEU B 160 21.55 -3.54 -4.38
N SER B 161 21.70 -4.69 -3.73
CA SER B 161 21.27 -4.84 -2.35
C SER B 161 22.54 -4.57 -1.52
N HIS B 162 22.47 -3.64 -0.56
CA HIS B 162 23.62 -3.27 0.26
C HIS B 162 24.11 -4.48 1.05
N LEU B 163 23.17 -5.26 1.57
CA LEU B 163 23.48 -6.49 2.30
C LEU B 163 22.72 -7.54 1.47
N LEU B 164 23.46 -8.47 0.86
CA LEU B 164 22.83 -9.48 0.01
C LEU B 164 21.95 -10.44 0.81
N TRP B 165 20.68 -10.59 0.40
CA TRP B 165 19.76 -11.42 1.17
C TRP B 165 20.02 -12.93 1.08
N ASN B 166 20.72 -13.36 0.02
CA ASN B 166 21.00 -14.77 -0.18
C ASN B 166 22.35 -15.25 0.39
N THR B 167 23.41 -14.49 0.18
CA THR B 167 24.72 -14.90 0.67
C THR B 167 25.19 -14.20 1.95
N GLY B 168 24.62 -13.02 2.25
CA GLY B 168 25.04 -12.33 3.44
C GLY B 168 26.22 -11.39 3.27
N GLN B 169 26.63 -11.17 2.02
CA GLN B 169 27.73 -10.26 1.74
C GLN B 169 27.32 -8.81 1.89
N VAL B 170 28.18 -8.00 2.49
CA VAL B 170 27.91 -6.57 2.58
C VAL B 170 28.74 -5.98 1.43
N LEU B 171 28.05 -5.53 0.40
CA LEU B 171 28.69 -4.94 -0.79
C LEU B 171 29.36 -3.63 -0.45
N PRO B 172 30.53 -3.36 -1.06
CA PRO B 172 31.29 -2.12 -0.83
C PRO B 172 30.54 -0.96 -1.48
N LEU B 173 29.54 -0.43 -0.77
CA LEU B 173 28.75 0.64 -1.34
C LEU B 173 29.53 1.91 -1.65
N ALA B 174 30.31 2.40 -0.69
CA ALA B 174 31.11 3.62 -0.89
C ALA B 174 31.96 3.49 -2.16
N GLU B 175 32.81 2.46 -2.20
CA GLU B 175 33.68 2.23 -3.36
C GLU B 175 32.85 2.15 -4.64
N ILE B 176 31.75 1.39 -4.59
CA ILE B 176 30.87 1.22 -5.74
C ILE B 176 30.25 2.55 -6.15
N MET B 177 30.03 3.42 -5.16
CA MET B 177 29.47 4.72 -5.48
C MET B 177 30.52 5.50 -6.26
N ALA B 178 31.74 5.54 -5.73
CA ALA B 178 32.87 6.23 -6.37
C ALA B 178 33.07 5.71 -7.79
N VAL B 179 33.03 4.39 -7.95
CA VAL B 179 33.17 3.78 -9.26
C VAL B 179 32.17 4.42 -10.19
N CYS B 180 30.90 4.49 -9.74
CA CYS B 180 29.84 5.09 -10.54
C CYS B 180 30.00 6.59 -10.78
N ARG B 181 30.60 7.31 -9.83
CA ARG B 181 30.80 8.75 -10.00
C ARG B 181 31.89 9.09 -11.02
N ARG B 182 32.98 8.31 -10.96
CA ARG B 182 34.13 8.48 -11.86
C ARG B 182 33.80 8.16 -13.31
N HIS B 183 32.85 7.27 -13.52
CA HIS B 183 32.48 6.88 -14.88
C HIS B 183 32.07 8.07 -15.74
N GLN B 184 32.45 7.98 -17.02
CA GLN B 184 32.11 8.99 -18.01
C GLN B 184 31.34 8.26 -19.12
N GLY B 185 30.01 8.38 -19.12
CA GLY B 185 29.21 7.72 -20.13
C GLY B 185 28.12 8.65 -20.63
N ASN B 186 27.10 8.09 -21.26
CA ASN B 186 25.99 8.89 -21.77
C ASN B 186 25.17 9.53 -20.66
N TYR B 187 25.05 8.82 -19.53
CA TYR B 187 24.28 9.31 -18.40
C TYR B 187 25.07 9.40 -17.12
N PRO B 188 24.65 10.30 -16.21
CA PRO B 188 25.38 10.38 -14.94
C PRO B 188 24.86 9.10 -14.28
N VAL B 189 25.73 8.15 -13.96
CA VAL B 189 25.23 6.89 -13.40
C VAL B 189 24.69 6.95 -11.96
N ARG B 190 23.42 6.56 -11.80
CA ARG B 190 22.74 6.56 -10.49
C ARG B 190 22.56 5.15 -9.91
N VAL B 191 22.64 5.04 -8.58
CA VAL B 191 22.48 3.75 -7.89
C VAL B 191 21.28 3.68 -6.91
N LEU B 192 20.38 2.74 -7.21
CA LEU B 192 19.20 2.45 -6.40
C LEU B 192 19.56 1.26 -5.50
N VAL B 193 19.52 1.47 -4.18
CA VAL B 193 19.88 0.44 -3.23
C VAL B 193 18.68 -0.25 -2.59
N ASP B 194 18.67 -1.57 -2.63
CA ASP B 194 17.61 -2.35 -1.97
C ASP B 194 18.19 -2.59 -0.57
N GLY B 195 17.61 -1.91 0.41
CA GLY B 195 18.09 -2.02 1.78
C GLY B 195 17.24 -2.93 2.66
N ALA B 196 16.61 -3.93 2.07
CA ALA B 196 15.78 -4.83 2.86
C ALA B 196 16.51 -5.41 4.06
N GLN B 197 17.76 -5.86 3.85
CA GLN B 197 18.53 -6.45 4.93
C GLN B 197 19.44 -5.48 5.71
N SER B 198 19.96 -4.46 5.03
CA SER B 198 20.87 -3.50 5.64
C SER B 198 20.23 -2.56 6.62
N ALA B 199 19.09 -1.96 6.25
CA ALA B 199 18.42 -1.00 7.15
C ALA B 199 18.02 -1.67 8.46
N GLY B 200 18.43 -1.08 9.57
CA GLY B 200 18.09 -1.70 10.85
C GLY B 200 19.16 -2.66 11.36
N SER B 201 20.16 -3.00 10.54
CA SER B 201 21.23 -3.85 11.03
C SER B 201 22.58 -3.12 10.83
N LEU B 202 22.84 -2.62 9.63
CA LEU B 202 24.05 -1.86 9.41
C LEU B 202 23.82 -0.43 9.86
N PRO B 203 24.84 0.20 10.43
CA PRO B 203 24.68 1.59 10.85
C PRO B 203 24.65 2.33 9.52
N LEU B 204 23.61 3.13 9.30
CA LEU B 204 23.45 3.86 8.04
C LEU B 204 23.29 5.36 8.26
N ASP B 205 24.20 6.13 7.66
CA ASP B 205 24.17 7.58 7.74
C ASP B 205 24.29 8.10 6.32
N PHE B 206 23.23 8.68 5.79
CA PHE B 206 23.28 9.18 4.42
C PHE B 206 23.88 10.59 4.33
N SER B 207 24.50 11.04 5.43
CA SER B 207 25.16 12.34 5.45
C SER B 207 26.66 12.04 5.32
N ARG B 208 27.08 10.88 5.85
CA ARG B 208 28.46 10.45 5.80
C ARG B 208 28.66 9.48 4.65
N LEU B 209 27.57 8.86 4.22
CA LEU B 209 27.58 7.91 3.11
C LEU B 209 26.71 8.61 2.07
N GLU B 210 27.19 8.73 0.84
CA GLU B 210 26.39 9.40 -0.16
C GLU B 210 25.68 8.43 -1.08
N VAL B 211 24.34 8.44 -1.05
CA VAL B 211 23.56 7.58 -1.93
C VAL B 211 22.50 8.36 -2.68
N ASP B 212 22.04 7.78 -3.78
CA ASP B 212 21.05 8.37 -4.65
C ASP B 212 19.62 7.99 -4.22
N TYR B 213 19.34 6.68 -4.19
CA TYR B 213 18.03 6.16 -3.77
C TYR B 213 18.28 4.96 -2.87
N TYR B 214 17.49 4.84 -1.80
CA TYR B 214 17.68 3.74 -0.86
C TYR B 214 16.29 3.33 -0.38
N ALA B 215 15.84 2.15 -0.82
CA ALA B 215 14.55 1.60 -0.46
C ALA B 215 14.67 0.70 0.78
N PHE B 216 13.73 0.84 1.71
CA PHE B 216 13.78 0.01 2.92
C PHE B 216 12.35 -0.27 3.42
N THR B 217 12.27 -1.14 4.40
CA THR B 217 10.98 -1.46 5.02
C THR B 217 11.17 -1.43 6.52
N GLY B 218 10.08 -1.28 7.26
CA GLY B 218 10.23 -1.28 8.70
C GLY B 218 9.98 -2.66 9.32
N HIS B 219 9.51 -3.62 8.53
CA HIS B 219 9.08 -4.91 9.13
C HIS B 219 10.09 -6.02 9.30
N LYS B 220 11.35 -5.73 8.92
CA LYS B 220 12.40 -6.72 9.06
C LYS B 220 13.29 -6.38 10.28
N TRP B 221 14.51 -5.90 10.05
CA TRP B 221 15.39 -5.62 11.16
C TRP B 221 14.92 -4.51 12.11
N PHE B 222 14.08 -3.59 11.64
CA PHE B 222 13.56 -2.52 12.52
C PHE B 222 12.43 -3.08 13.43
N ALA B 223 11.91 -4.25 13.07
CA ALA B 223 10.87 -4.93 13.86
C ALA B 223 9.51 -4.25 13.95
N GLY B 224 9.12 -3.53 12.91
CA GLY B 224 7.83 -2.88 12.91
C GLY B 224 6.87 -3.93 12.34
N PRO B 225 5.60 -3.55 12.21
CA PRO B 225 4.54 -4.44 11.68
C PRO B 225 4.63 -4.56 10.15
N ALA B 226 4.15 -5.68 9.61
CA ALA B 226 4.09 -5.87 8.17
C ALA B 226 3.20 -4.76 7.61
N GLY B 227 3.67 -4.11 6.54
CA GLY B 227 2.89 -3.06 5.94
C GLY B 227 3.36 -1.62 5.94
N VAL B 228 4.53 -1.34 6.53
CA VAL B 228 5.06 0.02 6.56
C VAL B 228 6.56 -0.01 6.25
N GLY B 229 6.95 0.81 5.28
CA GLY B 229 8.33 0.92 4.83
C GLY B 229 8.59 2.34 4.39
N GLY B 230 9.70 2.55 3.69
CA GLY B 230 10.01 3.88 3.23
C GLY B 230 11.08 3.95 2.16
N LEU B 231 11.27 5.15 1.62
CA LEU B 231 12.25 5.37 0.55
C LEU B 231 13.00 6.68 0.75
N TYR B 232 14.32 6.64 0.60
CA TYR B 232 15.14 7.85 0.72
C TYR B 232 15.58 8.23 -0.69
N ILE B 233 15.37 9.50 -1.05
CA ILE B 233 15.80 10.01 -2.36
C ILE B 233 16.59 11.26 -2.07
N HIS B 234 17.83 11.31 -2.53
CA HIS B 234 18.65 12.48 -2.31
C HIS B 234 18.03 13.68 -3.03
N GLY B 235 18.09 14.85 -2.40
CA GLY B 235 17.54 16.06 -3.00
C GLY B 235 17.95 16.32 -4.46
N ASP B 236 19.21 16.04 -4.77
CA ASP B 236 19.73 16.24 -6.13
C ASP B 236 19.08 15.29 -7.11
N CYS B 237 18.49 14.21 -6.60
CA CYS B 237 17.87 13.21 -7.46
C CYS B 237 16.36 13.29 -7.58
N LEU B 238 15.75 14.08 -6.69
CA LEU B 238 14.30 14.21 -6.66
C LEU B 238 13.63 14.57 -7.99
N GLY B 239 14.13 15.64 -8.63
CA GLY B 239 13.54 16.08 -9.88
C GLY B 239 13.48 15.05 -11.00
N GLU B 240 14.42 14.10 -10.99
CA GLU B 240 14.46 13.05 -12.02
C GLU B 240 13.38 12.01 -11.80
N ILE B 241 12.77 12.01 -10.62
CA ILE B 241 11.74 11.02 -10.34
C ILE B 241 10.32 11.59 -10.49
N ASN B 242 9.64 11.23 -11.58
CA ASN B 242 8.27 11.67 -11.84
C ASN B 242 7.26 10.83 -11.05
N PRO B 243 6.30 11.49 -10.35
CA PRO B 243 5.34 10.67 -9.61
C PRO B 243 4.58 9.77 -10.58
N THR B 244 4.37 8.51 -10.16
CA THR B 244 3.65 7.54 -10.97
C THR B 244 2.34 7.23 -10.23
N TYR B 245 2.35 6.29 -9.27
CA TYR B 245 1.10 6.03 -8.55
C TYR B 245 0.86 7.21 -7.64
N VAL B 246 -0.22 7.92 -7.87
CA VAL B 246 -0.54 9.10 -7.05
C VAL B 246 -2.00 9.11 -6.59
N GLY B 247 -2.30 10.09 -5.74
CA GLY B 247 -3.66 10.20 -5.22
C GLY B 247 -3.73 11.45 -4.39
N TRP B 248 -4.69 11.48 -3.47
CA TRP B 248 -4.88 12.70 -2.69
C TRP B 248 -3.78 13.12 -1.75
N ARG B 249 -2.92 12.19 -1.36
CA ARG B 249 -1.79 12.52 -0.51
C ARG B 249 -0.64 13.09 -1.34
N SER B 250 -0.75 13.02 -2.66
CA SER B 250 0.39 13.45 -3.52
C SER B 250 0.44 14.90 -3.94
N ILE B 251 -0.67 15.59 -3.72
CA ILE B 251 -0.83 16.95 -4.22
C ILE B 251 -1.17 18.03 -3.21
N THR B 252 -1.16 19.27 -3.71
CA THR B 252 -1.54 20.45 -2.94
C THR B 252 -2.86 20.84 -3.57
N TYR B 253 -3.68 21.55 -2.78
CA TYR B 253 -5.03 21.93 -3.20
C TYR B 253 -5.29 23.43 -3.42
N GLY B 254 -6.23 23.73 -4.32
CA GLY B 254 -6.58 25.10 -4.60
C GLY B 254 -7.86 25.50 -3.89
N ALA B 255 -8.42 26.63 -4.31
CA ALA B 255 -9.63 27.20 -3.73
C ALA B 255 -10.92 26.35 -3.87
N LYS B 256 -11.06 25.64 -4.97
CA LYS B 256 -12.23 24.78 -5.18
C LYS B 256 -11.86 23.33 -4.93
N GLY B 257 -10.79 23.13 -4.17
CA GLY B 257 -10.33 21.79 -3.85
C GLY B 257 -9.66 21.09 -5.01
N GLU B 258 -9.23 21.85 -6.00
CA GLU B 258 -8.58 21.29 -7.18
C GLU B 258 -7.06 21.10 -7.00
N PRO B 259 -6.47 20.16 -7.75
CA PRO B 259 -5.02 19.90 -7.65
C PRO B 259 -4.29 21.18 -8.07
N THR B 260 -3.24 21.56 -7.33
CA THR B 260 -2.50 22.77 -7.69
C THR B 260 -1.00 22.54 -7.75
N GLY B 261 -0.58 21.28 -7.71
CA GLY B 261 0.84 20.98 -7.74
C GLY B 261 1.16 19.78 -6.84
N TRP B 262 2.44 19.47 -6.74
CA TRP B 262 2.88 18.35 -5.93
C TRP B 262 3.16 18.70 -4.48
N ALA B 263 2.87 17.74 -3.59
CA ALA B 263 3.12 17.90 -2.19
C ALA B 263 4.63 18.03 -1.99
N GLU B 264 4.99 18.58 -0.85
CA GLU B 264 6.36 18.84 -0.47
C GLU B 264 7.26 17.59 -0.47
N GLY B 265 8.42 17.72 -1.10
CA GLY B 265 9.37 16.62 -1.13
C GLY B 265 8.86 15.23 -1.44
N GLY B 266 9.18 14.28 -0.56
CA GLY B 266 8.78 12.88 -0.74
C GLY B 266 7.32 12.56 -0.64
N LYS B 267 6.51 13.50 -0.13
CA LYS B 267 5.08 13.27 -0.01
C LYS B 267 4.41 13.04 -1.36
N ARG B 268 5.00 13.58 -2.45
CA ARG B 268 4.39 13.41 -3.77
C ARG B 268 4.29 11.97 -4.29
N PHE B 269 5.02 11.03 -3.68
CA PHE B 269 4.98 9.63 -4.10
C PHE B 269 4.13 8.81 -3.12
N GLU B 270 3.42 9.50 -2.22
CA GLU B 270 2.50 8.85 -1.27
C GLU B 270 1.12 8.96 -1.93
N VAL B 271 0.34 7.88 -1.86
CA VAL B 271 -0.95 7.78 -2.58
C VAL B 271 -2.25 8.18 -1.90
N ALA B 272 -2.76 7.31 -1.01
CA ALA B 272 -4.03 7.59 -0.36
C ALA B 272 -4.15 6.88 0.99
N THR B 273 -5.35 6.44 1.35
CA THR B 273 -5.51 5.84 2.69
C THR B 273 -4.60 4.64 2.89
N SER B 274 -3.93 4.62 4.04
CA SER B 274 -3.01 3.53 4.42
C SER B 274 -3.38 3.08 5.83
N ALA B 275 -2.74 2.02 6.31
CA ALA B 275 -3.04 1.52 7.65
C ALA B 275 -2.34 2.35 8.71
N TYR B 276 -2.93 3.49 9.02
CA TYR B 276 -2.33 4.40 9.98
C TYR B 276 -1.93 3.83 11.33
N PRO B 277 -2.74 2.96 11.96
CA PRO B 277 -2.31 2.44 13.26
C PRO B 277 -0.94 1.76 13.14
N GLN B 278 -0.69 1.14 12.00
CA GLN B 278 0.59 0.48 11.78
C GLN B 278 1.74 1.49 11.73
N TYR B 279 1.45 2.72 11.34
CA TYR B 279 2.52 3.74 11.30
C TYR B 279 2.93 3.97 12.76
N ALA B 280 1.98 4.03 13.67
CA ALA B 280 2.29 4.22 15.10
C ALA B 280 3.12 3.01 15.59
N GLY B 281 2.83 1.83 15.08
CA GLY B 281 3.59 0.67 15.46
C GLY B 281 5.06 0.78 15.02
N LEU B 282 5.32 1.17 13.77
CA LEU B 282 6.71 1.32 13.30
C LEU B 282 7.37 2.45 14.10
N LEU B 283 6.67 3.56 14.34
CA LEU B 283 7.30 4.65 15.08
C LEU B 283 7.79 4.14 16.43
N ALA B 284 6.97 3.38 17.13
CA ALA B 284 7.34 2.88 18.44
C ALA B 284 8.52 1.90 18.40
N ALA B 285 8.52 1.02 17.41
CA ALA B 285 9.60 0.05 17.26
C ALA B 285 10.91 0.80 16.98
N LEU B 286 10.86 1.85 16.16
CA LEU B 286 12.06 2.65 15.88
C LEU B 286 12.58 3.29 17.15
N GLN B 287 11.69 3.85 17.95
CA GLN B 287 12.11 4.53 19.18
C GLN B 287 12.72 3.58 20.20
N LEU B 288 12.30 2.33 20.19
CA LEU B 288 12.83 1.34 21.11
C LEU B 288 14.25 0.98 20.64
N HIS B 289 14.35 0.71 19.35
CA HIS B 289 15.59 0.34 18.65
C HIS B 289 16.72 1.35 18.96
N GLN B 290 16.35 2.59 19.33
CA GLN B 290 17.32 3.65 19.65
C GLN B 290 17.51 3.82 21.15
N ARG B 291 16.58 3.24 21.91
CA ARG B 291 16.63 3.28 23.36
C ARG B 291 17.77 2.33 23.76
N GLN B 292 17.98 1.29 22.94
CA GLN B 292 19.01 0.27 23.19
C GLN B 292 20.34 0.54 22.46
N GLY B 293 21.14 1.43 23.01
CA GLY B 293 22.43 1.74 22.40
C GLY B 293 22.37 2.33 21.01
N THR B 294 23.54 2.74 20.52
CA THR B 294 23.71 3.33 19.19
C THR B 294 23.62 2.27 18.09
N ALA B 295 23.50 2.71 16.83
CA ALA B 295 23.44 1.77 15.72
C ALA B 295 24.73 0.97 15.65
N GLU B 296 25.85 1.62 15.97
CA GLU B 296 27.15 0.94 15.97
C GLU B 296 27.21 -0.15 17.03
N GLU B 297 26.79 0.18 18.25
CA GLU B 297 26.81 -0.81 19.32
C GLU B 297 25.89 -1.97 18.92
N ARG B 298 24.73 -1.65 18.33
CA ARG B 298 23.82 -2.72 17.89
C ARG B 298 24.40 -3.55 16.77
N TYR B 299 25.06 -2.90 15.81
CA TYR B 299 25.70 -3.63 14.73
C TYR B 299 26.82 -4.54 15.29
N GLN B 300 27.63 -4.04 16.24
CA GLN B 300 28.66 -4.90 16.79
C GLN B 300 28.05 -6.10 17.50
N ALA B 301 26.94 -5.88 18.22
CA ALA B 301 26.26 -6.98 18.90
C ALA B 301 25.78 -8.03 17.86
N ILE B 302 25.17 -7.54 16.78
CA ILE B 302 24.71 -8.44 15.71
C ILE B 302 25.88 -9.30 15.20
N CYS B 303 27.02 -8.66 14.92
CA CYS B 303 28.16 -9.42 14.43
C CYS B 303 28.77 -10.39 15.45
N GLN B 304 28.71 -10.05 16.74
CA GLN B 304 29.24 -10.92 17.77
C GLN B 304 28.37 -12.20 17.78
N ARG B 305 27.08 -12.02 17.53
CA ARG B 305 26.16 -13.15 17.52
C ARG B 305 26.36 -13.97 16.24
N SER B 306 26.44 -13.30 15.07
CA SER B 306 26.62 -14.03 13.84
C SER B 306 27.99 -14.73 13.74
N GLU B 307 29.03 -14.17 14.35
CA GLU B 307 30.32 -14.85 14.29
C GLU B 307 30.28 -16.09 15.18
N PHE B 308 29.57 -15.99 16.30
CA PHE B 308 29.45 -17.13 17.22
C PHE B 308 28.70 -18.30 16.55
N LEU B 309 27.67 -17.99 15.77
CA LEU B 309 26.91 -19.05 15.04
C LEU B 309 27.78 -19.58 13.93
N TRP B 310 28.39 -18.65 13.18
CA TRP B 310 29.24 -19.00 12.06
C TRP B 310 30.38 -19.95 12.52
N ARG B 311 31.02 -19.59 13.63
CA ARG B 311 32.10 -20.41 14.19
C ARG B 311 31.55 -21.80 14.55
N GLY B 312 30.39 -21.80 15.18
CA GLY B 312 29.74 -23.04 15.59
C GLY B 312 29.41 -23.91 14.41
N LEU B 313 28.90 -23.32 13.34
CA LEU B 313 28.56 -24.05 12.14
C LEU B 313 29.82 -24.63 11.49
N ASN B 314 30.93 -23.90 11.60
CA ASN B 314 32.18 -24.38 11.02
C ASN B 314 32.61 -25.69 11.69
N GLN B 315 32.27 -25.85 12.96
CA GLN B 315 32.64 -27.05 13.70
C GLN B 315 31.79 -28.27 13.34
N LEU B 316 30.58 -28.04 12.84
CA LEU B 316 29.70 -29.16 12.48
C LEU B 316 30.26 -29.77 11.19
N PRO B 317 30.59 -31.06 11.23
CA PRO B 317 31.15 -31.75 10.06
C PRO B 317 30.35 -31.71 8.76
N HIS B 318 29.01 -31.77 8.86
CA HIS B 318 28.17 -31.80 7.66
C HIS B 318 27.50 -30.50 7.23
N VAL B 319 27.93 -29.40 7.81
CA VAL B 319 27.39 -28.09 7.48
C VAL B 319 28.52 -27.29 6.85
N HIS B 320 28.22 -26.47 5.86
CA HIS B 320 29.25 -25.64 5.21
C HIS B 320 28.77 -24.23 4.95
N CYS B 321 29.36 -23.31 5.69
CA CYS B 321 29.01 -21.91 5.52
C CYS B 321 29.49 -21.43 4.15
N LEU B 322 28.70 -20.58 3.50
CA LEU B 322 29.10 -20.03 2.21
C LEU B 322 30.30 -19.10 2.45
N ALA B 323 30.30 -18.39 3.58
CA ALA B 323 31.36 -17.45 3.92
C ALA B 323 32.54 -18.15 4.59
N THR B 324 33.75 -17.87 4.11
CA THR B 324 34.96 -18.47 4.68
C THR B 324 35.63 -17.57 5.71
N SER B 325 35.14 -16.34 5.84
CA SER B 325 35.59 -15.39 6.86
C SER B 325 34.35 -15.03 7.68
N ALA B 326 34.52 -14.39 8.84
CA ALA B 326 33.36 -14.04 9.67
C ALA B 326 32.34 -13.20 8.91
N PRO B 327 31.04 -13.45 9.14
CA PRO B 327 30.00 -12.68 8.45
C PRO B 327 30.17 -11.19 8.74
N GLN B 328 29.89 -10.36 7.75
CA GLN B 328 30.03 -8.91 7.93
C GLN B 328 28.75 -8.30 8.51
N ALA B 329 27.69 -9.09 8.60
CA ALA B 329 26.44 -8.61 9.19
C ALA B 329 25.73 -9.75 9.90
N GLY B 330 24.41 -9.69 10.01
CA GLY B 330 23.72 -10.72 10.74
C GLY B 330 23.25 -11.93 9.96
N LEU B 331 23.49 -11.98 8.65
CA LEU B 331 23.04 -13.11 7.83
C LEU B 331 24.11 -14.20 7.72
N VAL B 332 23.73 -15.43 8.05
CA VAL B 332 24.66 -16.55 7.95
C VAL B 332 24.01 -17.64 7.10
N SER B 333 24.54 -17.79 5.89
CA SER B 333 24.03 -18.79 4.94
C SER B 333 24.94 -20.03 4.92
N PHE B 334 24.36 -21.21 4.75
CA PHE B 334 25.14 -22.44 4.75
C PHE B 334 24.40 -23.55 4.04
N THR B 335 25.12 -24.64 3.74
CA THR B 335 24.46 -25.80 3.12
C THR B 335 24.60 -26.96 4.09
N VAL B 336 23.78 -27.98 3.92
CA VAL B 336 23.85 -29.15 4.77
C VAL B 336 24.00 -30.39 3.87
N ASP B 337 24.95 -31.27 4.21
CA ASP B 337 25.16 -32.50 3.43
C ASP B 337 24.15 -33.51 3.97
N SER B 338 23.11 -33.77 3.19
CA SER B 338 22.07 -34.69 3.62
C SER B 338 21.17 -35.11 2.48
N PRO B 339 20.66 -36.34 2.53
CA PRO B 339 19.78 -36.79 1.45
C PRO B 339 18.44 -35.99 1.47
N LEU B 340 18.11 -35.42 2.63
CA LEU B 340 16.85 -34.70 2.82
C LEU B 340 16.50 -33.50 1.93
N GLY B 341 17.48 -32.67 1.62
CA GLY B 341 17.19 -31.48 0.84
C GLY B 341 16.96 -30.36 1.84
N HIS B 342 17.33 -29.14 1.47
CA HIS B 342 17.19 -28.01 2.39
C HIS B 342 15.77 -27.62 2.80
N ARG B 343 14.78 -27.83 1.92
CA ARG B 343 13.42 -27.49 2.30
C ARG B 343 12.92 -28.44 3.37
N ALA B 344 13.23 -29.73 3.25
CA ALA B 344 12.78 -30.66 4.26
C ALA B 344 13.47 -30.33 5.59
N ILE B 345 14.73 -29.88 5.52
CA ILE B 345 15.44 -29.59 6.76
C ILE B 345 14.86 -28.37 7.48
N VAL B 346 14.54 -27.33 6.71
CA VAL B 346 13.94 -26.12 7.27
C VAL B 346 12.56 -26.47 7.88
N GLN B 347 11.83 -27.36 7.21
CA GLN B 347 10.52 -27.79 7.71
C GLN B 347 10.67 -28.54 9.04
N LYS B 348 11.63 -29.47 9.08
CA LYS B 348 11.89 -30.24 10.28
C LYS B 348 12.32 -29.30 11.41
N LEU B 349 13.19 -28.33 11.10
CA LEU B 349 13.60 -27.39 12.12
C LEU B 349 12.38 -26.61 12.67
N GLU B 350 11.45 -26.23 11.80
CA GLU B 350 10.27 -25.51 12.22
C GLU B 350 9.37 -26.42 13.08
N GLU B 351 9.39 -27.71 12.80
CA GLU B 351 8.64 -28.69 13.56
C GLU B 351 9.16 -28.63 15.02
N GLN B 352 10.41 -28.21 15.20
CA GLN B 352 11.00 -28.10 16.54
C GLN B 352 11.01 -26.65 17.04
N ARG B 353 10.22 -25.81 16.36
CA ARG B 353 10.11 -24.39 16.66
C ARG B 353 11.42 -23.62 16.56
N ILE B 354 12.20 -24.00 15.55
CA ILE B 354 13.47 -23.35 15.19
C ILE B 354 13.18 -22.80 13.78
N TYR B 355 13.28 -21.47 13.64
CA TYR B 355 12.87 -20.80 12.42
C TYR B 355 13.95 -20.17 11.57
N LEU B 356 14.22 -20.79 10.43
CA LEU B 356 15.20 -20.31 9.45
C LEU B 356 14.49 -20.32 8.12
N ARG B 357 15.19 -20.01 7.05
CA ARG B 357 14.50 -20.06 5.76
C ARG B 357 15.38 -20.63 4.63
N THR B 358 14.75 -21.26 3.66
CA THR B 358 15.49 -21.73 2.50
C THR B 358 15.64 -20.58 1.48
N ILE B 359 16.79 -20.58 0.82
CA ILE B 359 17.16 -19.61 -0.20
C ILE B 359 17.23 -20.42 -1.51
N ALA B 360 16.60 -19.91 -2.57
CA ALA B 360 16.55 -20.62 -3.85
C ALA B 360 17.80 -20.56 -4.72
N ASP B 361 18.59 -19.50 -4.58
CA ASP B 361 19.81 -19.37 -5.38
C ASP B 361 20.81 -18.52 -4.61
N PRO B 362 21.91 -19.13 -4.14
CA PRO B 362 22.20 -20.56 -4.30
C PRO B 362 21.33 -21.37 -3.36
N ASP B 363 21.28 -22.68 -3.58
CA ASP B 363 20.48 -23.59 -2.76
C ASP B 363 21.16 -23.71 -1.40
N CYS B 364 20.58 -23.07 -0.40
CA CYS B 364 21.16 -23.07 0.94
C CYS B 364 20.11 -22.67 1.95
N ILE B 365 20.51 -22.63 3.21
CA ILE B 365 19.65 -22.24 4.32
C ILE B 365 20.20 -20.96 4.91
N ARG B 366 19.33 -20.06 5.32
CA ARG B 366 19.78 -18.81 5.90
C ARG B 366 19.28 -18.55 7.32
N ALA B 367 20.21 -18.12 8.19
CA ALA B 367 19.85 -17.77 9.55
C ALA B 367 20.19 -16.29 9.74
N CYS B 368 19.30 -15.60 10.44
CA CYS B 368 19.48 -14.20 10.75
C CYS B 368 19.69 -14.07 12.24
N CYS B 369 20.81 -13.43 12.63
CA CYS B 369 21.13 -13.21 14.04
C CYS B 369 20.93 -11.72 14.36
N HIS B 370 20.11 -11.39 15.35
CA HIS B 370 19.88 -9.98 15.69
C HIS B 370 20.54 -9.64 17.03
N TYR B 371 20.52 -8.37 17.45
CA TYR B 371 21.16 -8.05 18.72
C TYR B 371 20.40 -8.60 19.91
N ILE B 372 19.19 -9.09 19.65
CA ILE B 372 18.38 -9.69 20.69
C ILE B 372 18.49 -11.22 20.65
N THR B 373 19.28 -11.73 19.71
CA THR B 373 19.50 -13.18 19.64
C THR B 373 20.51 -13.48 20.74
N ASP B 374 20.38 -14.63 21.39
CA ASP B 374 21.37 -14.96 22.40
C ASP B 374 22.12 -16.24 22.07
N GLU B 375 23.17 -16.51 22.83
CA GLU B 375 23.97 -17.69 22.56
C GLU B 375 23.24 -19.02 22.83
N GLU B 376 22.28 -19.02 23.75
CA GLU B 376 21.51 -20.22 24.05
C GLU B 376 20.67 -20.63 22.82
N GLU B 377 20.07 -19.64 22.15
CA GLU B 377 19.30 -19.93 20.95
C GLU B 377 20.22 -20.49 19.86
N ILE B 378 21.40 -19.90 19.74
CA ILE B 378 22.36 -20.34 18.74
C ILE B 378 22.80 -21.76 19.09
N ASN B 379 23.10 -21.99 20.38
CA ASN B 379 23.54 -23.33 20.79
C ASN B 379 22.45 -24.35 20.53
N HIS B 380 21.20 -23.91 20.64
CA HIS B 380 20.05 -24.79 20.41
C HIS B 380 20.00 -25.16 18.94
N LEU B 381 20.07 -24.17 18.06
CA LEU B 381 20.07 -24.45 16.63
C LEU B 381 21.21 -25.41 16.26
N LEU B 382 22.40 -25.18 16.83
CA LEU B 382 23.56 -26.02 16.55
C LEU B 382 23.34 -27.45 17.03
N ALA B 383 22.72 -27.61 18.19
CA ALA B 383 22.45 -28.97 18.67
C ALA B 383 21.50 -29.72 17.72
N ARG B 384 20.47 -29.04 17.22
CA ARG B 384 19.52 -29.73 16.33
C ARG B 384 20.04 -29.90 14.92
N LEU B 385 20.83 -28.95 14.44
CA LEU B 385 21.40 -29.05 13.11
C LEU B 385 22.39 -30.21 13.02
N ALA B 386 23.07 -30.48 14.13
CA ALA B 386 24.07 -31.56 14.16
C ALA B 386 23.42 -32.89 13.81
N ASP B 387 22.12 -33.02 14.04
CA ASP B 387 21.42 -34.28 13.76
C ASP B 387 21.25 -34.66 12.29
N PHE B 388 21.61 -33.77 11.37
CA PHE B 388 21.49 -34.09 9.95
C PHE B 388 22.86 -34.56 9.43
N GLY B 389 22.86 -35.42 8.41
CA GLY B 389 24.13 -35.91 7.88
C GLY B 389 24.02 -36.80 6.65
N PRO B 390 25.14 -37.06 5.95
CA PRO B 390 25.15 -37.90 4.76
C PRO B 390 25.04 -39.39 5.10
K K C . -35.29 23.73 4.01
N PDA D . -13.78 10.22 -0.15
N1 PDA D . -12.94 8.43 -4.80
C2 PDA D . -14.17 8.90 -4.23
C2A PDA D . -15.28 9.10 -5.26
C3 PDA D . -14.20 9.19 -2.76
O3A PDA D . -15.35 9.64 -2.18
C4 PDA D . -12.95 8.98 -1.95
C4A PDA D . -12.95 9.26 -0.61
C5 PDA D . -11.73 8.50 -2.65
C5A PDA D . -10.37 8.30 -1.95
OP4 PDA D . -10.35 7.25 -1.03
P PDA D . -9.06 6.35 -0.88
OP1 PDA D . -8.20 6.94 0.21
OP2 PDA D . -8.30 6.21 -2.16
OP3 PDA D . -9.67 5.05 -0.43
C6 PDA D . -11.76 8.22 -4.09
CA PDA D . -13.84 10.75 1.09
CB PDA D . -12.80 10.64 2.02
C PDA D . -14.99 11.48 1.40
O PDA D . -15.26 11.87 2.62
OXT PDA D . -15.77 11.82 0.40
N CSS E . -8.92 15.58 2.02
CA CSS E . -9.44 15.61 0.65
CB CSS E . -8.58 14.63 -0.19
SG CSS E . -9.20 14.43 -1.90
SD CSS E . -9.46 12.47 -2.20
C CSS E . -10.89 15.12 0.64
O CSS E . -11.22 13.81 1.09
OXT CSS E . -11.89 15.98 0.18
K K F . 31.68 -27.15 8.87
N PDA G . 13.32 -10.84 1.94
N1 PDA G . 14.56 -7.07 -1.35
C2 PDA G . 15.35 -7.96 -0.59
C2A PDA G . 16.84 -7.83 -0.86
C3 PDA G . 14.71 -8.89 0.39
O3A PDA G . 15.44 -9.62 1.21
C4 PDA G . 13.24 -8.87 0.52
C4A PDA G . 12.61 -9.83 1.32
C5 PDA G . 12.47 -7.91 -0.31
C5A PDA G . 10.91 -7.78 -0.25
OP4 PDA G . 10.44 -7.14 0.91
P PDA G . 9.06 -6.35 0.86
OP1 PDA G . 7.88 -7.24 0.95
OP2 PDA G . 8.99 -5.60 -0.43
OP3 PDA G . 9.21 -5.48 2.01
C6 PDA G . 13.17 -7.01 -1.24
CA PDA G . 12.74 -11.86 2.69
CB PDA G . 11.33 -12.12 2.74
C PDA G . 13.62 -12.68 3.44
O PDA G . 13.19 -13.73 4.14
OXT PDA G . 14.89 -12.35 3.45
#